data_5CBJ
#
_entry.id   5CBJ
#
_cell.length_a   79.033
_cell.length_b   79.033
_cell.length_c   225.862
_cell.angle_alpha   90.00
_cell.angle_beta   90.00
_cell.angle_gamma   90.00
#
_symmetry.space_group_name_H-M   'P 43 21 2'
#
loop_
_entity.id
_entity.type
_entity.pdbx_description
1 polymer 'Malate synthase G'
2 non-polymer 'MAGNESIUM ION'
3 non-polymer '(2E)-3-(phenylsulfanyl)prop-2-enoic acid'
4 water water
#
_entity_poly.entity_id   1
_entity_poly.type   'polypeptide(L)'
_entity_poly.pdbx_seq_one_letter_code
;MTDRVSVGNLRIARVLYDFVNNEALPGTDIDPDSFWAGVDKVVADLTPQNQALLNARDELQAQIDKWHRRRVIEPIDMDA
YRQFLTEIGYLLPEPDDFTITTSGVDAEITTTAGPQLVVPVLNARFALNAANARWGSLYDALYGTDVIPETDGAEKGPTY
NKVRGDKVIAYARKFLDDSVPLSSGSFGDATGFTVQDGQLVVALPDKSTGLANPGQFAGYTGAAESPTSVLLINHGLHIE
ILIDPESQVGTTDRAGVKDVILESAITTIMDFEDSVAAVDAADKVLGYRNWLGLNKGDLAAAVDKDGTAFLRVLNRDRNY
TAPGGGQFTLPGRSLMFVRNVGHLMTNDAIVDTDGSEVFEGIMDALFTGLIAIHGLKASDVNGPLINSRTGSIYIVKPKM
HGPAEVAFTCELFSRVEDVLGLPQNTMKIGIMDEERRTTVNLKACIKAAADRVVFINTGFLDRTGDEIHTSMEAGPMVRK
GTMKSQPWILAYEDHNVDAGLAAGFSGRAQVGKGMWTMTELMADMVETKIAQPRAGASTAWVPSPTAATLHALHYHQVDV
AAVQQGLAGKRRATIEQLLTIPLAKELAWAPDEIREEVDNNCQSILGYVVRWVDQGVGASKVPDIHDVALMEDRATLRIS
SQLLANWLRHGVITSADVRASLERMAPLVDRQNAGDVAYRPMAPNFDDSIAFLAAQELILSGAQQPNGYTEPILHRRRRE
FKARAAEKPAPSDRAGDDAAR
;
_entity_poly.pdbx_strand_id   A
#
loop_
_chem_comp.id
_chem_comp.type
_chem_comp.name
_chem_comp.formula
4ZD non-polymer '(2E)-3-(phenylsulfanyl)prop-2-enoic acid' 'C9 H8 O2 S'
MG non-polymer 'MAGNESIUM ION' 'Mg 2'
#
# COMPACT_ATOMS: atom_id res chain seq x y z
N THR A 2 29.69 -15.29 15.98
CA THR A 2 30.05 -14.08 15.25
C THR A 2 29.51 -14.11 13.82
N ASP A 3 30.29 -14.69 12.89
CA ASP A 3 29.87 -14.83 11.49
C ASP A 3 29.61 -13.45 10.86
N ARG A 4 30.52 -12.52 11.10
CA ARG A 4 30.35 -11.18 10.56
C ARG A 4 31.57 -10.73 9.79
N VAL A 5 31.40 -9.71 8.97
CA VAL A 5 32.49 -9.16 8.20
C VAL A 5 32.80 -7.74 8.68
N SER A 6 34.08 -7.44 8.84
CA SER A 6 34.48 -6.13 9.32
C SER A 6 34.73 -5.18 8.16
N VAL A 7 34.00 -4.06 8.17
CA VAL A 7 34.15 -2.98 7.20
C VAL A 7 34.12 -1.68 7.99
N GLY A 8 35.30 -1.13 8.25
CA GLY A 8 35.41 0.03 9.13
C GLY A 8 34.81 -0.27 10.49
N ASN A 9 33.94 0.61 10.95
CA ASN A 9 33.31 0.45 12.26
C ASN A 9 32.17 -0.58 12.25
N LEU A 10 31.88 -1.14 11.09
CA LEU A 10 30.74 -2.02 10.97
C LEU A 10 31.12 -3.50 10.98
N ARG A 11 30.18 -4.32 11.46
CA ARG A 11 30.28 -5.77 11.46
C ARG A 11 29.05 -6.35 10.75
N ILE A 12 29.21 -6.74 9.49
CA ILE A 12 28.10 -7.09 8.63
C ILE A 12 27.80 -8.59 8.68
N ALA A 13 26.53 -8.93 8.87
CA ALA A 13 26.13 -10.35 8.80
C ALA A 13 26.63 -11.00 7.51
N ARG A 14 27.29 -12.15 7.64
CA ARG A 14 27.90 -12.83 6.50
C ARG A 14 26.87 -13.12 5.38
N VAL A 15 25.65 -13.46 5.76
CA VAL A 15 24.63 -13.76 4.76
C VAL A 15 24.27 -12.51 3.92
N LEU A 16 24.35 -11.33 4.53
CA LEU A 16 24.08 -10.09 3.82
C LEU A 16 25.26 -9.68 2.96
N TYR A 17 26.45 -9.77 3.56
CA TYR A 17 27.68 -9.49 2.84
C TYR A 17 27.78 -10.33 1.57
N ASP A 18 27.59 -11.64 1.68
CA ASP A 18 27.65 -12.53 0.52
C ASP A 18 26.58 -12.23 -0.55
N PHE A 19 25.35 -11.96 -0.12
CA PHE A 19 24.28 -11.65 -1.06
C PHE A 19 24.63 -10.41 -1.88
N VAL A 20 25.02 -9.35 -1.20
CA VAL A 20 25.36 -8.11 -1.90
C VAL A 20 26.51 -8.31 -2.91
N ASN A 21 27.56 -9.00 -2.50
CA ASN A 21 28.73 -9.15 -3.37
C ASN A 21 28.48 -10.07 -4.54
N ASN A 22 27.74 -11.14 -4.29
CA ASN A 22 27.54 -12.18 -5.30
C ASN A 22 26.36 -11.92 -6.23
N GLU A 23 25.33 -11.28 -5.68
CA GLU A 23 24.04 -11.19 -6.37
C GLU A 23 23.67 -9.77 -6.73
N ALA A 24 23.80 -8.85 -5.76
CA ALA A 24 23.35 -7.48 -5.97
C ALA A 24 24.31 -6.63 -6.79
N LEU A 25 25.59 -6.66 -6.43
CA LEU A 25 26.60 -5.79 -7.05
C LEU A 25 26.99 -6.07 -8.53
N PRO A 26 27.21 -7.36 -8.89
CA PRO A 26 27.64 -7.64 -10.26
C PRO A 26 26.65 -7.17 -11.31
N GLY A 27 27.11 -6.30 -12.20
CA GLY A 27 26.26 -5.81 -13.28
C GLY A 27 25.84 -4.38 -13.06
N THR A 28 26.13 -3.83 -11.89
CA THR A 28 25.82 -2.44 -11.57
C THR A 28 26.97 -1.48 -11.89
N ASP A 29 28.15 -2.04 -12.17
CA ASP A 29 29.38 -1.26 -12.39
C ASP A 29 29.88 -0.47 -11.17
N ILE A 30 29.45 -0.86 -9.97
CA ILE A 30 29.96 -0.25 -8.76
C ILE A 30 31.06 -1.11 -8.14
N ASP A 31 32.20 -0.48 -7.85
CA ASP A 31 33.30 -1.15 -7.18
C ASP A 31 32.82 -1.62 -5.82
N PRO A 32 32.93 -2.93 -5.54
CA PRO A 32 32.47 -3.49 -4.26
C PRO A 32 33.10 -2.80 -3.05
N ASP A 33 34.41 -2.59 -3.09
CA ASP A 33 35.10 -1.99 -1.96
C ASP A 33 34.67 -0.55 -1.74
N SER A 34 34.35 0.14 -2.84
CA SER A 34 33.81 1.49 -2.77
C SER A 34 32.37 1.48 -2.27
N PHE A 35 31.62 0.43 -2.59
CA PHE A 35 30.26 0.34 -2.10
C PHE A 35 30.29 0.25 -0.58
N TRP A 36 31.02 -0.72 -0.04
CA TRP A 36 31.05 -0.93 1.41
C TRP A 36 31.67 0.24 2.18
N ALA A 37 32.60 0.94 1.55
CA ALA A 37 33.20 2.14 2.15
C ALA A 37 32.14 3.22 2.34
N GLY A 38 31.30 3.39 1.32
CA GLY A 38 30.17 4.29 1.40
C GLY A 38 29.13 3.88 2.42
N VAL A 39 28.90 2.57 2.57
CA VAL A 39 27.95 2.11 3.58
C VAL A 39 28.42 2.54 4.97
N ASP A 40 29.70 2.27 5.26
CA ASP A 40 30.30 2.63 6.54
C ASP A 40 30.24 4.15 6.71
N LYS A 41 30.58 4.90 5.68
CA LYS A 41 30.58 6.36 5.74
C LYS A 41 29.18 6.94 5.98
N VAL A 42 28.21 6.51 5.17
CA VAL A 42 26.84 7.00 5.29
C VAL A 42 26.24 6.66 6.66
N VAL A 43 26.50 5.46 7.14
CA VAL A 43 26.00 5.02 8.43
C VAL A 43 26.59 5.87 9.56
N ALA A 44 27.90 6.06 9.55
CA ALA A 44 28.56 6.87 10.57
C ALA A 44 28.04 8.31 10.53
N ASP A 45 27.91 8.83 9.31
CA ASP A 45 27.54 10.22 9.10
C ASP A 45 26.10 10.57 9.47
N LEU A 46 25.15 9.68 9.16
CA LEU A 46 23.74 10.01 9.34
C LEU A 46 23.10 9.46 10.60
N THR A 47 23.77 8.52 11.26
CA THR A 47 23.22 7.92 12.46
C THR A 47 22.87 8.91 13.59
N PRO A 48 23.80 9.81 13.96
CA PRO A 48 23.46 10.81 14.98
C PRO A 48 22.23 11.66 14.67
N GLN A 49 22.07 12.13 13.44
CA GLN A 49 20.85 12.87 13.11
C GLN A 49 19.57 12.02 13.21
N ASN A 50 19.66 10.76 12.76
CA ASN A 50 18.53 9.83 12.89
C ASN A 50 18.10 9.72 14.35
N GLN A 51 19.08 9.67 15.24
CA GLN A 51 18.83 9.51 16.66
C GLN A 51 18.31 10.82 17.25
N ALA A 52 18.85 11.93 16.77
CA ALA A 52 18.42 13.25 17.20
C ALA A 52 16.91 13.43 16.93
N LEU A 53 16.48 13.04 15.74
CA LEU A 53 15.07 13.13 15.33
C LEU A 53 14.13 12.25 16.16
N LEU A 54 14.55 11.02 16.51
CA LEU A 54 13.71 10.15 17.34
C LEU A 54 13.60 10.70 18.75
N ASN A 55 14.68 11.29 19.25
CA ASN A 55 14.66 11.89 20.58
C ASN A 55 13.71 13.09 20.60
N ALA A 56 13.64 13.81 19.48
CA ALA A 56 12.77 14.98 19.37
C ALA A 56 11.29 14.58 19.42
N ARG A 57 10.95 13.44 18.82
CA ARG A 57 9.60 12.86 18.92
C ARG A 57 9.22 12.66 20.39
N ASP A 58 10.16 12.08 21.14
CA ASP A 58 10.00 11.81 22.56
C ASP A 58 9.77 13.10 23.35
N GLU A 59 10.61 14.09 23.08
CA GLU A 59 10.56 15.38 23.77
C GLU A 59 9.21 16.07 23.59
N LEU A 60 8.68 16.00 22.38
CA LEU A 60 7.43 16.68 22.06
C LEU A 60 6.25 15.96 22.70
N GLN A 61 6.31 14.63 22.74
CA GLN A 61 5.20 13.86 23.26
C GLN A 61 5.11 13.97 24.78
N ALA A 62 6.27 14.12 25.41
CA ALA A 62 6.31 14.35 26.86
C ALA A 62 5.60 15.65 27.20
N GLN A 63 5.88 16.70 26.44
CA GLN A 63 5.27 18.01 26.64
C GLN A 63 3.76 17.98 26.48
N ILE A 64 3.29 17.30 25.43
CA ILE A 64 1.88 17.14 25.17
C ILE A 64 1.20 16.31 26.27
N ASP A 65 1.88 15.23 26.69
CA ASP A 65 1.41 14.42 27.82
C ASP A 65 1.18 15.31 29.06
N LYS A 66 2.19 16.09 29.44
CA LYS A 66 2.09 17.00 30.58
C LYS A 66 0.94 18.03 30.41
N TRP A 67 0.89 18.67 29.24
CA TRP A 67 -0.21 19.60 28.93
C TRP A 67 -1.58 19.04 29.28
N HIS A 68 -1.86 17.82 28.81
CA HIS A 68 -3.19 17.24 28.96
C HIS A 68 -3.54 16.89 30.39
N ARG A 69 -2.55 16.53 31.18
CA ARG A 69 -2.79 16.02 32.53
C ARG A 69 -3.46 17.06 33.43
N ARG A 70 -3.25 18.32 33.13
CA ARG A 70 -3.73 19.39 33.99
C ARG A 70 -4.65 20.33 33.24
N ARG A 71 -5.71 19.79 32.65
CA ARG A 71 -6.52 20.55 31.72
C ARG A 71 -7.91 19.93 31.57
N ASP A 77 -9.43 24.56 25.46
CA ASP A 77 -10.00 25.10 24.23
C ASP A 77 -8.97 25.05 23.11
N MET A 78 -9.46 25.15 21.88
CA MET A 78 -8.63 25.00 20.69
C MET A 78 -7.55 26.06 20.58
N ASP A 79 -7.89 27.29 20.95
CA ASP A 79 -6.97 28.41 20.79
C ASP A 79 -5.74 28.29 21.70
N ALA A 80 -5.91 27.81 22.93
CA ALA A 80 -4.77 27.59 23.81
C ALA A 80 -3.97 26.40 23.29
N TYR A 81 -4.69 25.34 22.95
CA TYR A 81 -4.09 24.11 22.45
C TYR A 81 -3.24 24.37 21.21
N ARG A 82 -3.83 25.02 20.21
CA ARG A 82 -3.12 25.39 18.98
C ARG A 82 -1.88 26.25 19.30
N GLN A 83 -2.05 27.22 20.20
CA GLN A 83 -0.96 28.13 20.54
C GLN A 83 0.19 27.39 21.23
N PHE A 84 -0.17 26.43 22.07
CA PHE A 84 0.79 25.54 22.71
C PHE A 84 1.59 24.73 21.68
N LEU A 85 0.90 24.05 20.77
CA LEU A 85 1.59 23.25 19.75
C LEU A 85 2.56 24.11 18.93
N THR A 86 2.16 25.35 18.67
CA THR A 86 2.99 26.25 17.89
C THR A 86 4.25 26.60 18.68
N GLU A 87 4.09 26.89 19.96
CA GLU A 87 5.20 27.27 20.83
C GLU A 87 6.27 26.20 21.00
N ILE A 88 5.86 24.93 20.99
CA ILE A 88 6.79 23.84 21.31
C ILE A 88 7.51 23.25 20.11
N GLY A 89 7.18 23.72 18.91
CA GLY A 89 7.85 23.25 17.69
C GLY A 89 7.12 22.14 16.98
N TYR A 90 5.90 21.86 17.41
CA TYR A 90 5.07 20.80 16.85
C TYR A 90 4.32 21.28 15.61
N LEU A 91 3.69 22.45 15.73
CA LEU A 91 2.99 23.08 14.64
C LEU A 91 3.87 24.19 14.08
N LEU A 92 4.39 23.96 12.88
CA LEU A 92 5.37 24.86 12.29
C LEU A 92 4.68 25.81 11.32
N PRO A 93 5.32 26.94 11.01
CA PRO A 93 4.67 27.89 10.09
C PRO A 93 4.45 27.29 8.71
N GLU A 94 3.38 27.72 8.05
CA GLU A 94 3.15 27.32 6.67
C GLU A 94 4.02 28.13 5.72
N PRO A 95 4.65 27.45 4.76
CA PRO A 95 5.51 28.11 3.78
C PRO A 95 4.69 28.76 2.67
N ASP A 96 5.32 29.65 1.92
CA ASP A 96 4.69 30.29 0.77
C ASP A 96 4.36 29.25 -0.31
N ASP A 97 3.32 29.56 -1.09
CA ASP A 97 2.95 28.73 -2.24
C ASP A 97 4.16 28.30 -3.09
N PHE A 98 4.08 27.10 -3.63
CA PHE A 98 5.14 26.59 -4.49
C PHE A 98 4.61 25.45 -5.35
N THR A 99 5.39 25.05 -6.34
CA THR A 99 5.06 23.93 -7.20
C THR A 99 6.23 22.96 -7.16
N ILE A 100 5.94 21.66 -7.10
CA ILE A 100 6.99 20.65 -7.07
C ILE A 100 7.72 20.61 -8.41
N THR A 101 9.00 20.25 -8.38
CA THR A 101 9.82 20.27 -9.58
C THR A 101 10.36 18.90 -9.96
N THR A 102 9.77 17.86 -9.38
CA THR A 102 10.12 16.47 -9.67
C THR A 102 10.21 16.21 -11.19
N SER A 103 11.28 15.54 -11.64
CA SER A 103 11.42 15.21 -13.06
C SER A 103 12.00 13.82 -13.28
N GLY A 104 11.87 13.29 -14.48
CA GLY A 104 12.32 11.94 -14.76
C GLY A 104 11.33 10.89 -14.29
N VAL A 105 10.06 11.28 -14.17
CA VAL A 105 9.01 10.40 -13.65
C VAL A 105 8.13 9.76 -14.74
N ASP A 106 7.96 8.44 -14.63
CA ASP A 106 7.16 7.65 -15.57
C ASP A 106 5.72 8.13 -15.72
N ALA A 107 5.11 7.81 -16.85
CA ALA A 107 3.75 8.27 -17.14
C ALA A 107 2.73 7.68 -16.19
N GLU A 108 2.95 6.43 -15.75
CA GLU A 108 2.06 5.75 -14.85
C GLU A 108 1.78 6.56 -13.59
N ILE A 109 2.77 7.36 -13.20
CA ILE A 109 2.69 8.17 -11.99
C ILE A 109 2.24 9.62 -12.24
N THR A 110 2.84 10.30 -13.23
CA THR A 110 2.51 11.70 -13.45
C THR A 110 1.10 11.91 -13.98
N THR A 111 0.64 10.98 -14.80
CA THR A 111 -0.56 11.22 -15.60
C THR A 111 -1.72 10.28 -15.29
N THR A 112 -1.47 8.98 -15.42
CA THR A 112 -2.51 7.96 -15.31
C THR A 112 -3.09 7.86 -13.91
N ALA A 113 -4.41 7.82 -13.81
CA ALA A 113 -5.05 7.49 -12.55
C ALA A 113 -5.54 6.05 -12.59
N GLY A 114 -5.35 5.34 -11.49
CA GLY A 114 -5.88 4.00 -11.37
C GLY A 114 -5.42 3.30 -10.10
N PRO A 115 -5.81 2.04 -9.93
CA PRO A 115 -5.52 1.25 -8.72
C PRO A 115 -4.03 1.03 -8.48
N GLN A 116 -3.70 0.90 -7.20
CA GLN A 116 -2.33 0.66 -6.79
C GLN A 116 -2.34 -0.49 -5.81
N LEU A 117 -1.49 -1.47 -6.06
CA LEU A 117 -1.46 -2.69 -5.29
C LEU A 117 -0.31 -2.60 -4.26
N VAL A 118 -0.48 -3.23 -3.10
CA VAL A 118 0.56 -3.25 -2.08
C VAL A 118 0.78 -4.70 -1.71
N VAL A 119 2.02 -5.17 -1.72
CA VAL A 119 2.28 -6.59 -1.52
C VAL A 119 3.56 -6.83 -0.69
N PRO A 120 3.54 -7.84 0.20
CA PRO A 120 4.75 -8.20 0.97
C PRO A 120 5.85 -8.73 0.08
N VAL A 121 7.01 -8.08 0.11
CA VAL A 121 8.07 -8.46 -0.81
C VAL A 121 8.64 -9.85 -0.50
N LEU A 122 8.43 -10.34 0.73
CA LEU A 122 8.96 -11.65 1.12
C LEU A 122 8.16 -12.85 0.57
N ASN A 123 7.02 -12.56 -0.04
CA ASN A 123 6.20 -13.60 -0.66
C ASN A 123 6.31 -13.55 -2.18
N ALA A 124 7.19 -14.38 -2.72
CA ALA A 124 7.50 -14.38 -4.15
C ALA A 124 6.25 -14.60 -4.99
N ARG A 125 5.41 -15.52 -4.55
CA ARG A 125 4.16 -15.83 -5.26
C ARG A 125 3.24 -14.61 -5.37
N PHE A 126 2.97 -13.94 -4.25
CA PHE A 126 2.12 -12.73 -4.30
C PHE A 126 2.81 -11.62 -5.12
N ALA A 127 4.10 -11.40 -4.89
CA ALA A 127 4.82 -10.34 -5.61
C ALA A 127 4.73 -10.52 -7.13
N LEU A 128 4.87 -11.77 -7.57
CA LEU A 128 4.73 -12.11 -8.98
C LEU A 128 3.33 -11.80 -9.51
N ASN A 129 2.31 -12.19 -8.76
CA ASN A 129 0.93 -11.94 -9.21
C ASN A 129 0.61 -10.46 -9.24
N ALA A 130 1.14 -9.74 -8.26
CA ALA A 130 1.01 -8.29 -8.20
C ALA A 130 1.66 -7.61 -9.40
N ALA A 131 2.90 -7.99 -9.68
CA ALA A 131 3.63 -7.42 -10.82
C ALA A 131 2.89 -7.67 -12.11
N ASN A 132 2.32 -8.86 -12.24
CA ASN A 132 1.51 -9.26 -13.39
C ASN A 132 0.08 -8.77 -13.40
N ALA A 133 -0.30 -8.03 -12.37
CA ALA A 133 -1.71 -7.67 -12.21
C ALA A 133 -2.08 -6.41 -12.98
N ARG A 134 -1.13 -5.89 -13.75
CA ARG A 134 -1.42 -4.69 -14.53
C ARG A 134 -2.50 -4.94 -15.57
N TRP A 135 -2.61 -6.17 -16.04
CA TRP A 135 -3.70 -6.51 -16.94
C TRP A 135 -4.45 -7.66 -16.27
N GLY A 136 -5.73 -7.46 -16.03
CA GLY A 136 -6.53 -8.49 -15.39
C GLY A 136 -7.86 -8.72 -16.09
N SER A 137 -8.34 -9.95 -16.02
CA SER A 137 -9.62 -10.34 -16.63
C SER A 137 -10.84 -9.82 -15.89
N LEU A 138 -11.68 -9.02 -16.55
CA LEU A 138 -12.92 -8.55 -15.95
C LEU A 138 -13.93 -9.69 -15.77
N TYR A 139 -14.00 -10.62 -16.73
CA TYR A 139 -14.91 -11.77 -16.58
C TYR A 139 -14.56 -12.61 -15.34
N ASP A 140 -13.29 -12.96 -15.17
CA ASP A 140 -12.86 -13.70 -13.98
C ASP A 140 -13.21 -12.96 -12.69
N ALA A 141 -12.97 -11.66 -12.67
CA ALA A 141 -13.19 -10.87 -11.46
C ALA A 141 -14.68 -10.80 -11.10
N LEU A 142 -15.53 -10.64 -12.11
CA LEU A 142 -17.00 -10.65 -11.92
C LEU A 142 -17.59 -12.01 -11.54
N TYR A 143 -17.21 -13.04 -12.29
CA TYR A 143 -17.73 -14.37 -12.08
C TYR A 143 -17.32 -14.89 -10.69
N GLY A 144 -16.08 -14.62 -10.33
CA GLY A 144 -15.47 -15.20 -9.15
C GLY A 144 -15.76 -14.52 -7.83
N THR A 145 -16.36 -13.34 -7.87
CA THR A 145 -16.65 -12.56 -6.65
C THR A 145 -18.15 -12.30 -6.47
N ASP A 146 -18.53 -11.61 -5.41
CA ASP A 146 -19.95 -11.32 -5.17
C ASP A 146 -20.45 -10.09 -5.89
N VAL A 147 -19.64 -9.50 -6.77
CA VAL A 147 -20.10 -8.36 -7.55
C VAL A 147 -21.35 -8.75 -8.35
N ILE A 148 -21.34 -9.94 -8.94
CA ILE A 148 -22.56 -10.53 -9.51
C ILE A 148 -23.22 -11.37 -8.43
N PRO A 149 -24.42 -10.95 -7.98
CA PRO A 149 -25.13 -11.58 -6.86
C PRO A 149 -25.28 -13.08 -7.00
N GLU A 150 -24.82 -13.84 -6.00
CA GLU A 150 -24.99 -15.29 -5.96
C GLU A 150 -26.42 -15.69 -5.58
N THR A 151 -27.40 -15.03 -6.18
CA THR A 151 -28.79 -15.35 -5.90
C THR A 151 -29.15 -16.71 -6.49
N ASP A 152 -30.33 -17.22 -6.14
CA ASP A 152 -30.81 -18.52 -6.59
C ASP A 152 -30.73 -18.65 -8.11
N GLY A 153 -30.05 -19.70 -8.57
CA GLY A 153 -29.84 -19.92 -9.98
C GLY A 153 -28.56 -19.29 -10.54
N ALA A 154 -27.97 -18.38 -9.78
CA ALA A 154 -26.76 -17.66 -10.21
C ALA A 154 -25.55 -17.87 -9.28
N GLU A 155 -25.60 -18.93 -8.49
CA GLU A 155 -24.49 -19.24 -7.59
C GLU A 155 -23.32 -19.88 -8.36
N LYS A 156 -22.11 -19.65 -7.89
CA LYS A 156 -20.95 -20.31 -8.47
C LYS A 156 -20.74 -21.67 -7.80
N GLY A 157 -20.96 -22.74 -8.55
CA GLY A 157 -20.76 -24.09 -8.07
C GLY A 157 -19.43 -24.62 -8.59
N PRO A 158 -19.20 -25.93 -8.45
CA PRO A 158 -17.91 -26.53 -8.85
C PRO A 158 -17.57 -26.30 -10.32
N THR A 159 -18.58 -26.22 -11.18
CA THR A 159 -18.36 -26.03 -12.61
C THR A 159 -19.12 -24.82 -13.14
N TYR A 160 -18.75 -24.39 -14.33
CA TYR A 160 -19.28 -23.15 -14.92
C TYR A 160 -20.82 -23.09 -15.01
N ASN A 161 -21.37 -22.01 -14.46
CA ASN A 161 -22.80 -21.72 -14.52
C ASN A 161 -23.05 -20.68 -15.62
N LYS A 162 -23.89 -21.02 -16.60
CA LYS A 162 -24.13 -20.14 -17.74
C LYS A 162 -25.06 -18.96 -17.43
N VAL A 163 -25.99 -19.16 -16.51
CA VAL A 163 -26.85 -18.07 -16.05
C VAL A 163 -26.00 -16.99 -15.36
N ARG A 164 -25.02 -17.41 -14.56
CA ARG A 164 -24.10 -16.49 -13.92
C ARG A 164 -23.20 -15.79 -14.94
N GLY A 165 -22.67 -16.58 -15.87
CA GLY A 165 -21.85 -16.06 -16.96
C GLY A 165 -22.58 -15.07 -17.84
N ASP A 166 -23.85 -15.31 -18.10
CA ASP A 166 -24.63 -14.39 -18.90
C ASP A 166 -24.85 -13.07 -18.17
N LYS A 167 -24.87 -13.13 -16.84
CA LYS A 167 -24.88 -11.91 -16.05
C LYS A 167 -23.52 -11.21 -16.07
N VAL A 168 -22.44 -11.99 -16.10
CA VAL A 168 -21.10 -11.41 -16.25
C VAL A 168 -21.00 -10.66 -17.57
N ILE A 169 -21.51 -11.27 -18.63
CA ILE A 169 -21.43 -10.67 -19.96
C ILE A 169 -22.20 -9.36 -20.05
N ALA A 170 -23.43 -9.33 -19.53
CA ALA A 170 -24.23 -8.11 -19.53
C ALA A 170 -23.59 -6.99 -18.69
N TYR A 171 -23.03 -7.34 -17.54
CA TYR A 171 -22.33 -6.35 -16.73
C TYR A 171 -21.25 -5.68 -17.57
N ALA A 172 -20.38 -6.49 -18.17
CA ALA A 172 -19.33 -5.99 -19.05
C ALA A 172 -19.82 -5.15 -20.24
N ARG A 173 -20.89 -5.56 -20.89
CA ARG A 173 -21.41 -4.81 -22.03
C ARG A 173 -21.93 -3.45 -21.57
N LYS A 174 -22.61 -3.46 -20.42
CA LYS A 174 -23.06 -2.22 -19.80
C LYS A 174 -21.88 -1.29 -19.52
N PHE A 175 -20.75 -1.86 -19.09
CA PHE A 175 -19.54 -1.08 -18.84
C PHE A 175 -18.97 -0.50 -20.12
N LEU A 176 -18.90 -1.31 -21.17
CA LEU A 176 -18.39 -0.83 -22.45
C LEU A 176 -19.17 0.35 -22.99
N ASP A 177 -20.50 0.23 -22.96
CA ASP A 177 -21.40 1.31 -23.37
C ASP A 177 -21.12 2.57 -22.58
N ASP A 178 -20.81 2.38 -21.30
CA ASP A 178 -20.67 3.50 -20.39
C ASP A 178 -19.30 4.18 -20.49
N SER A 179 -18.28 3.42 -20.93
CA SER A 179 -16.91 3.91 -20.96
C SER A 179 -16.47 4.32 -22.35
N VAL A 180 -16.93 3.55 -23.34
CA VAL A 180 -16.55 3.75 -24.74
C VAL A 180 -17.83 3.65 -25.58
N PRO A 181 -18.70 4.67 -25.50
CA PRO A 181 -20.02 4.60 -26.14
C PRO A 181 -19.95 4.46 -27.67
N LEU A 182 -20.89 3.72 -28.24
CA LEU A 182 -20.99 3.63 -29.69
C LEU A 182 -21.72 4.86 -30.24
N SER A 183 -21.56 5.09 -31.54
CA SER A 183 -22.23 6.22 -32.20
C SER A 183 -23.75 6.10 -32.08
N SER A 184 -24.26 4.89 -32.31
CA SER A 184 -25.66 4.56 -32.06
C SER A 184 -25.79 3.11 -31.62
N GLY A 185 -26.75 2.85 -30.74
CA GLY A 185 -26.95 1.51 -30.22
C GLY A 185 -26.00 1.18 -29.07
N SER A 186 -25.81 -0.12 -28.83
CA SER A 186 -25.06 -0.61 -27.69
C SER A 186 -24.12 -1.76 -28.03
N PHE A 187 -23.19 -2.04 -27.12
CA PHE A 187 -22.31 -3.20 -27.27
C PHE A 187 -23.11 -4.45 -26.97
N GLY A 188 -24.18 -4.28 -26.20
CA GLY A 188 -25.04 -5.39 -25.85
C GLY A 188 -25.61 -6.13 -27.06
N ASP A 189 -25.73 -5.43 -28.18
CA ASP A 189 -26.34 -6.02 -29.38
C ASP A 189 -25.35 -6.26 -30.52
N ALA A 190 -24.06 -6.14 -30.25
CA ALA A 190 -23.04 -6.28 -31.28
C ALA A 190 -23.02 -7.68 -31.91
N THR A 191 -22.45 -7.79 -33.11
CA THR A 191 -22.29 -9.09 -33.75
C THR A 191 -20.86 -9.30 -34.25
N GLY A 192 -20.10 -8.23 -34.34
CA GLY A 192 -18.73 -8.33 -34.81
C GLY A 192 -17.92 -7.04 -34.78
N PHE A 193 -16.62 -7.17 -34.99
CA PHE A 193 -15.71 -6.02 -34.98
C PHE A 193 -14.77 -6.09 -36.16
N THR A 194 -14.65 -4.97 -36.89
CA THR A 194 -13.63 -4.84 -37.92
C THR A 194 -12.94 -3.48 -37.84
N VAL A 195 -11.74 -3.40 -38.39
CA VAL A 195 -10.99 -2.16 -38.47
C VAL A 195 -10.90 -1.66 -39.91
N GLN A 196 -11.81 -0.75 -40.29
CA GLN A 196 -11.85 -0.28 -41.67
C GLN A 196 -11.29 1.15 -41.84
N ASP A 197 -10.21 1.23 -42.62
CA ASP A 197 -9.50 2.48 -42.88
C ASP A 197 -9.05 3.20 -41.61
N GLY A 198 -8.55 2.41 -40.65
CA GLY A 198 -7.98 2.95 -39.44
C GLY A 198 -8.97 3.14 -38.32
N GLN A 199 -10.25 2.89 -38.60
CA GLN A 199 -11.29 3.14 -37.62
C GLN A 199 -12.02 1.85 -37.26
N LEU A 200 -12.57 1.80 -36.06
CA LEU A 200 -13.24 0.60 -35.57
C LEU A 200 -14.69 0.54 -36.03
N VAL A 201 -15.09 -0.58 -36.64
CA VAL A 201 -16.47 -0.77 -37.05
C VAL A 201 -17.12 -1.87 -36.22
N VAL A 202 -18.25 -1.54 -35.58
CA VAL A 202 -19.01 -2.54 -34.85
C VAL A 202 -20.26 -2.94 -35.63
N ALA A 203 -20.25 -4.18 -36.13
CA ALA A 203 -21.42 -4.71 -36.80
C ALA A 203 -22.56 -4.98 -35.81
N LEU A 204 -23.69 -4.31 -36.03
CA LEU A 204 -24.90 -4.54 -35.26
C LEU A 204 -25.83 -5.40 -36.12
N PRO A 205 -26.98 -5.85 -35.58
CA PRO A 205 -27.79 -6.75 -36.42
C PRO A 205 -28.63 -6.03 -37.48
N ASP A 206 -28.27 -4.80 -37.82
CA ASP A 206 -28.97 -4.04 -38.85
C ASP A 206 -28.02 -3.12 -39.62
N LYS A 207 -27.61 -2.03 -38.98
CA LYS A 207 -26.60 -1.13 -39.53
C LYS A 207 -25.37 -1.12 -38.61
N SER A 208 -24.19 -1.03 -39.21
CA SER A 208 -22.96 -0.99 -38.42
C SER A 208 -22.75 0.41 -37.85
N THR A 209 -21.77 0.57 -36.96
CA THR A 209 -21.56 1.83 -36.28
C THR A 209 -20.10 2.01 -35.84
N GLY A 210 -19.70 3.25 -35.60
CA GLY A 210 -18.36 3.54 -35.10
C GLY A 210 -18.42 4.03 -33.67
N LEU A 211 -17.26 4.32 -33.09
CA LEU A 211 -17.22 4.88 -31.74
C LEU A 211 -17.75 6.30 -31.75
N ALA A 212 -18.47 6.70 -30.70
CA ALA A 212 -18.97 8.08 -30.59
C ALA A 212 -17.81 9.04 -30.49
N ASN A 213 -16.71 8.55 -29.92
CA ASN A 213 -15.45 9.26 -29.94
C ASN A 213 -14.41 8.35 -30.55
N PRO A 214 -14.15 8.54 -31.85
CA PRO A 214 -13.27 7.68 -32.64
C PRO A 214 -11.86 7.56 -32.04
N GLY A 215 -11.45 8.56 -31.27
CA GLY A 215 -10.15 8.57 -30.62
C GLY A 215 -9.96 7.57 -29.48
N GLN A 216 -11.04 6.95 -29.01
CA GLN A 216 -10.93 5.93 -27.97
C GLN A 216 -10.46 4.60 -28.54
N PHE A 217 -10.36 4.50 -29.86
CA PHE A 217 -9.82 3.30 -30.50
C PHE A 217 -8.30 3.35 -30.50
N ALA A 218 -7.66 2.45 -29.78
CA ALA A 218 -6.21 2.50 -29.59
C ALA A 218 -5.42 1.46 -30.38
N GLY A 219 -6.09 0.44 -30.91
CA GLY A 219 -5.37 -0.59 -31.64
C GLY A 219 -6.07 -1.93 -31.69
N TYR A 220 -5.36 -2.92 -32.21
CA TYR A 220 -5.91 -4.27 -32.28
C TYR A 220 -4.83 -5.32 -32.46
N THR A 221 -5.23 -6.57 -32.37
CA THR A 221 -4.36 -7.69 -32.72
C THR A 221 -5.08 -8.55 -33.76
N GLY A 222 -4.35 -9.49 -34.34
CA GLY A 222 -4.89 -10.28 -35.42
C GLY A 222 -4.93 -9.52 -36.72
N ALA A 223 -5.66 -10.06 -37.69
CA ALA A 223 -5.83 -9.42 -38.98
C ALA A 223 -6.82 -8.28 -38.83
N ALA A 224 -6.54 -7.15 -39.48
CA ALA A 224 -7.43 -6.00 -39.43
C ALA A 224 -8.84 -6.35 -39.88
N GLU A 225 -8.98 -7.40 -40.66
CA GLU A 225 -10.28 -7.80 -41.19
C GLU A 225 -10.99 -8.78 -40.26
N SER A 226 -10.23 -9.56 -39.50
CA SER A 226 -10.82 -10.35 -38.42
C SER A 226 -9.92 -10.29 -37.18
N PRO A 227 -10.04 -9.19 -36.42
CA PRO A 227 -9.19 -8.92 -35.25
C PRO A 227 -9.34 -10.01 -34.22
N THR A 228 -8.25 -10.42 -33.59
CA THR A 228 -8.35 -11.39 -32.50
C THR A 228 -8.62 -10.62 -31.20
N SER A 229 -8.36 -9.33 -31.23
CA SER A 229 -8.70 -8.45 -30.12
C SER A 229 -8.84 -6.99 -30.57
N VAL A 230 -9.53 -6.21 -29.76
CA VAL A 230 -9.72 -4.79 -30.00
C VAL A 230 -9.28 -4.03 -28.75
N LEU A 231 -8.42 -3.04 -28.92
CA LEU A 231 -7.94 -2.22 -27.79
C LEU A 231 -8.64 -0.86 -27.78
N LEU A 232 -9.14 -0.46 -26.62
CA LEU A 232 -9.73 0.86 -26.43
C LEU A 232 -9.01 1.59 -25.29
N ILE A 233 -9.25 2.88 -25.19
CA ILE A 233 -8.69 3.67 -24.10
C ILE A 233 -9.72 4.66 -23.63
N ASN A 234 -9.75 4.87 -22.33
CA ASN A 234 -10.66 5.79 -21.69
C ASN A 234 -9.99 6.27 -20.39
N HIS A 235 -9.93 7.59 -20.21
CA HIS A 235 -9.29 8.20 -19.05
C HIS A 235 -7.87 7.68 -18.84
N GLY A 236 -7.17 7.42 -19.93
CA GLY A 236 -5.80 6.97 -19.85
C GLY A 236 -5.62 5.48 -19.55
N LEU A 237 -6.72 4.76 -19.34
CA LEU A 237 -6.62 3.33 -19.07
C LEU A 237 -7.12 2.51 -20.26
N HIS A 238 -6.39 1.44 -20.58
CA HIS A 238 -6.77 0.58 -21.69
C HIS A 238 -7.79 -0.49 -21.31
N ILE A 239 -8.67 -0.78 -22.27
CA ILE A 239 -9.62 -1.88 -22.19
C ILE A 239 -9.37 -2.72 -23.42
N GLU A 240 -9.32 -4.03 -23.26
CA GLU A 240 -9.11 -4.90 -24.40
C GLU A 240 -10.23 -5.91 -24.53
N ILE A 241 -10.88 -5.91 -25.69
CA ILE A 241 -11.90 -6.89 -25.98
C ILE A 241 -11.28 -8.08 -26.71
N LEU A 242 -11.28 -9.25 -26.07
CA LEU A 242 -10.74 -10.44 -26.71
C LEU A 242 -11.83 -11.18 -27.50
N ILE A 243 -11.54 -11.46 -28.76
CA ILE A 243 -12.51 -12.11 -29.64
C ILE A 243 -12.13 -13.55 -29.93
N ASP A 244 -13.04 -14.47 -29.60
CA ASP A 244 -12.78 -15.89 -29.77
C ASP A 244 -14.04 -16.71 -29.49
N PRO A 245 -14.91 -16.86 -30.51
CA PRO A 245 -16.12 -17.70 -30.43
C PRO A 245 -15.78 -19.18 -30.20
N GLU A 246 -14.51 -19.54 -30.42
CA GLU A 246 -14.01 -20.90 -30.21
C GLU A 246 -13.52 -21.10 -28.76
N SER A 247 -14.21 -20.47 -27.82
CA SER A 247 -13.80 -20.51 -26.41
C SER A 247 -14.99 -20.84 -25.53
N GLN A 248 -14.69 -21.29 -24.31
CA GLN A 248 -15.70 -21.66 -23.33
C GLN A 248 -16.84 -20.65 -23.28
N VAL A 249 -16.48 -19.38 -23.25
CA VAL A 249 -17.46 -18.31 -23.08
C VAL A 249 -17.90 -17.70 -24.41
N GLY A 250 -16.96 -17.53 -25.33
CA GLY A 250 -17.24 -16.87 -26.60
C GLY A 250 -18.37 -17.49 -27.41
N THR A 251 -18.52 -18.80 -27.28
CA THR A 251 -19.53 -19.54 -28.05
C THR A 251 -20.95 -19.10 -27.72
N THR A 252 -21.17 -18.68 -26.48
CA THR A 252 -22.50 -18.22 -26.05
C THR A 252 -22.70 -16.73 -26.36
N ASP A 253 -21.62 -16.06 -26.74
CA ASP A 253 -21.60 -14.62 -26.94
C ASP A 253 -22.06 -14.23 -28.33
N ARG A 254 -23.05 -13.35 -28.43
CA ARG A 254 -23.61 -13.00 -29.72
C ARG A 254 -22.69 -12.11 -30.56
N ALA A 255 -21.47 -11.88 -30.07
CA ALA A 255 -20.44 -11.20 -30.85
C ALA A 255 -19.10 -11.94 -30.81
N GLY A 256 -19.09 -13.12 -30.18
CA GLY A 256 -17.89 -13.93 -30.09
C GLY A 256 -16.87 -13.47 -29.05
N VAL A 257 -17.28 -12.56 -28.16
CA VAL A 257 -16.36 -12.01 -27.16
C VAL A 257 -16.04 -13.01 -26.07
N LYS A 258 -14.75 -13.32 -25.95
CA LYS A 258 -14.21 -14.25 -24.97
C LYS A 258 -14.05 -13.63 -23.56
N ASP A 259 -13.58 -12.39 -23.50
CA ASP A 259 -13.28 -11.72 -22.23
C ASP A 259 -13.16 -10.23 -22.49
N VAL A 260 -13.17 -9.46 -21.42
CA VAL A 260 -12.81 -8.04 -21.48
C VAL A 260 -11.66 -7.90 -20.49
N ILE A 261 -10.50 -7.46 -20.98
CA ILE A 261 -9.34 -7.27 -20.12
C ILE A 261 -9.18 -5.78 -19.76
N LEU A 262 -8.95 -5.50 -18.48
CA LEU A 262 -8.76 -4.12 -18.05
C LEU A 262 -7.34 -3.88 -17.59
N GLU A 263 -6.75 -2.77 -18.01
CA GLU A 263 -5.53 -2.29 -17.36
C GLU A 263 -5.96 -1.87 -15.95
N SER A 264 -5.29 -2.42 -14.94
CA SER A 264 -5.76 -2.40 -13.55
C SER A 264 -4.71 -1.78 -12.62
N ALA A 265 -3.87 -2.64 -12.05
CA ALA A 265 -2.81 -2.17 -11.15
C ALA A 265 -1.70 -1.56 -11.99
N ILE A 266 -1.73 -0.25 -12.17
CA ILE A 266 -0.73 0.37 -13.04
C ILE A 266 0.58 0.56 -12.28
N THR A 267 0.49 0.65 -10.94
CA THR A 267 1.67 0.59 -10.07
C THR A 267 1.47 -0.35 -8.90
N THR A 268 2.58 -0.81 -8.34
CA THR A 268 2.57 -1.73 -7.22
C THR A 268 3.69 -1.33 -6.24
N ILE A 269 3.38 -1.40 -4.94
CA ILE A 269 4.39 -1.17 -3.92
C ILE A 269 4.84 -2.53 -3.36
N MET A 270 6.13 -2.82 -3.55
CA MET A 270 6.75 -4.02 -2.99
C MET A 270 7.20 -3.67 -1.57
N ASP A 271 6.52 -4.25 -0.59
CA ASP A 271 6.63 -3.78 0.78
C ASP A 271 7.67 -4.52 1.64
N PHE A 272 8.59 -3.76 2.20
CA PHE A 272 9.52 -4.22 3.22
C PHE A 272 9.07 -3.84 4.64
N GLU A 273 7.97 -3.08 4.75
CA GLU A 273 7.58 -2.55 6.05
C GLU A 273 6.44 -3.37 6.71
N ASP A 274 5.25 -2.77 6.81
CA ASP A 274 4.18 -3.31 7.66
C ASP A 274 3.47 -4.61 7.23
N SER A 275 3.67 -5.06 6.00
CA SER A 275 3.06 -6.33 5.61
C SER A 275 4.00 -7.53 5.69
N VAL A 276 5.26 -7.29 6.08
CA VAL A 276 6.19 -8.39 6.21
C VAL A 276 6.72 -8.50 7.63
N ALA A 277 7.12 -9.70 8.00
CA ALA A 277 7.79 -9.94 9.27
C ALA A 277 9.25 -10.22 8.94
N ALA A 278 10.13 -9.25 9.20
CA ALA A 278 11.55 -9.43 8.94
C ALA A 278 12.41 -8.86 10.08
N VAL A 279 12.97 -9.75 10.91
CA VAL A 279 13.53 -9.31 12.18
C VAL A 279 15.04 -9.50 12.31
N ASP A 280 15.68 -10.02 11.27
CA ASP A 280 17.11 -10.31 11.32
C ASP A 280 17.71 -10.35 9.92
N ALA A 281 19.00 -10.65 9.83
CA ALA A 281 19.72 -10.68 8.57
C ALA A 281 19.14 -11.67 7.57
N ALA A 282 18.88 -12.90 8.02
CA ALA A 282 18.35 -13.92 7.13
C ALA A 282 17.03 -13.44 6.46
N ASP A 283 16.12 -12.87 7.25
CA ASP A 283 14.84 -12.35 6.72
C ASP A 283 15.01 -11.18 5.74
N LYS A 284 15.87 -10.21 6.09
CA LYS A 284 16.11 -9.08 5.19
C LYS A 284 16.64 -9.57 3.85
N VAL A 285 17.54 -10.56 3.87
CA VAL A 285 18.09 -11.11 2.62
C VAL A 285 17.03 -11.80 1.74
N LEU A 286 16.11 -12.54 2.33
CA LEU A 286 15.01 -13.14 1.56
C LEU A 286 14.24 -12.05 0.81
N GLY A 287 13.95 -10.96 1.51
CA GLY A 287 13.32 -9.80 0.90
C GLY A 287 14.10 -9.17 -0.21
N TYR A 288 15.36 -8.82 0.07
CA TYR A 288 16.28 -8.27 -0.91
C TYR A 288 16.42 -9.14 -2.16
N ARG A 289 16.51 -10.45 -1.97
CA ARG A 289 16.64 -11.37 -3.09
C ARG A 289 15.42 -11.33 -4.03
N ASN A 290 14.22 -11.19 -3.45
CA ASN A 290 12.99 -11.08 -4.24
C ASN A 290 12.94 -9.75 -5.00
N TRP A 291 13.27 -8.65 -4.30
CA TRP A 291 13.35 -7.32 -4.92
C TRP A 291 14.35 -7.34 -6.07
N LEU A 292 15.45 -8.05 -5.87
CA LEU A 292 16.46 -8.26 -6.93
C LEU A 292 15.92 -9.08 -8.11
N GLY A 293 15.18 -10.16 -7.81
CA GLY A 293 14.53 -10.94 -8.86
C GLY A 293 13.56 -10.11 -9.68
N LEU A 294 12.76 -9.31 -8.98
CA LEU A 294 11.80 -8.43 -9.68
C LEU A 294 12.50 -7.43 -10.59
N ASN A 295 13.57 -6.82 -10.10
CA ASN A 295 14.24 -5.79 -10.88
C ASN A 295 15.00 -6.36 -12.05
N LYS A 296 15.49 -7.58 -11.90
CA LYS A 296 16.16 -8.27 -12.98
C LYS A 296 15.15 -8.75 -14.01
N GLY A 297 13.97 -9.12 -13.53
CA GLY A 297 12.95 -9.67 -14.40
C GLY A 297 13.09 -11.17 -14.48
N ASP A 298 13.76 -11.77 -13.50
CA ASP A 298 13.94 -13.21 -13.49
C ASP A 298 13.34 -13.93 -12.28
N LEU A 299 12.57 -13.20 -11.47
CA LEU A 299 11.88 -13.82 -10.35
C LEU A 299 10.92 -14.87 -10.88
N ALA A 300 10.93 -16.03 -10.25
CA ALA A 300 10.05 -17.11 -10.64
C ALA A 300 9.70 -17.95 -9.42
N ALA A 301 8.53 -18.58 -9.45
CA ALA A 301 8.06 -19.38 -8.31
C ALA A 301 7.50 -20.72 -8.79
N ARG A 312 5.64 -20.14 -12.01
CA ARG A 312 5.08 -18.80 -12.16
C ARG A 312 6.17 -17.79 -12.48
N VAL A 313 5.99 -17.01 -13.55
CA VAL A 313 7.00 -16.07 -14.01
C VAL A 313 6.42 -14.68 -14.28
N LEU A 314 7.30 -13.73 -14.61
CA LEU A 314 6.87 -12.37 -14.91
C LEU A 314 6.33 -12.25 -16.34
N ASN A 315 5.21 -11.54 -16.49
CA ASN A 315 4.63 -11.24 -17.79
C ASN A 315 5.56 -10.39 -18.64
N ARG A 316 5.62 -10.69 -19.93
CA ARG A 316 6.35 -9.84 -20.89
C ARG A 316 5.43 -8.76 -21.49
N ASP A 317 6.02 -7.76 -22.13
CA ASP A 317 5.25 -6.68 -22.77
C ASP A 317 4.19 -7.16 -23.79
N ARG A 318 3.17 -6.33 -24.04
CA ARG A 318 2.05 -6.70 -24.89
C ARG A 318 2.13 -6.00 -26.25
N ASN A 319 2.01 -6.76 -27.34
CA ASN A 319 2.15 -6.20 -28.68
C ASN A 319 0.82 -5.86 -29.36
N TYR A 320 0.76 -4.74 -30.06
CA TYR A 320 -0.45 -4.36 -30.77
C TYR A 320 -0.16 -3.74 -32.12
N THR A 321 -1.19 -3.66 -32.93
CA THR A 321 -1.11 -2.89 -34.15
C THR A 321 -1.89 -1.61 -33.95
N ALA A 322 -1.29 -0.48 -34.29
CA ALA A 322 -1.95 0.82 -34.17
C ALA A 322 -3.10 0.90 -35.17
N PRO A 323 -4.14 1.72 -34.89
CA PRO A 323 -5.29 1.85 -35.78
C PRO A 323 -4.87 2.17 -37.21
N GLY A 324 -3.90 3.07 -37.36
CA GLY A 324 -3.36 3.43 -38.66
C GLY A 324 -2.69 2.25 -39.34
N GLY A 325 -1.70 1.64 -38.68
CA GLY A 325 -1.11 0.43 -39.22
C GLY A 325 0.16 -0.15 -38.60
N GLY A 326 0.92 0.68 -37.89
CA GLY A 326 2.21 0.24 -37.37
C GLY A 326 2.16 -0.51 -36.05
N GLN A 327 3.27 -1.12 -35.66
CA GLN A 327 3.35 -1.92 -34.43
C GLN A 327 3.76 -1.10 -33.21
N PHE A 328 3.06 -1.29 -32.10
CA PHE A 328 3.48 -0.70 -30.83
C PHE A 328 3.33 -1.69 -29.67
N THR A 329 3.98 -1.37 -28.56
CA THR A 329 4.07 -2.26 -27.40
C THR A 329 3.62 -1.52 -26.14
N LEU A 330 2.84 -2.19 -25.29
CA LEU A 330 2.41 -1.61 -24.01
C LEU A 330 3.01 -2.43 -22.88
N PRO A 331 3.41 -1.77 -21.77
CA PRO A 331 4.07 -2.46 -20.65
C PRO A 331 3.19 -3.59 -20.13
N GLY A 332 3.79 -4.75 -19.87
CA GLY A 332 3.01 -5.89 -19.43
C GLY A 332 3.03 -5.98 -17.91
N ARG A 333 3.69 -5.02 -17.26
CA ARG A 333 3.93 -5.11 -15.82
C ARG A 333 3.49 -3.86 -15.08
N SER A 334 3.10 -4.03 -13.82
CA SER A 334 2.90 -2.89 -12.93
C SER A 334 4.24 -2.16 -12.77
N LEU A 335 4.24 -0.83 -12.83
CA LEU A 335 5.45 -0.10 -12.44
C LEU A 335 5.65 -0.25 -10.93
N MET A 336 6.85 -0.67 -10.51
CA MET A 336 7.08 -1.00 -9.10
C MET A 336 7.68 0.15 -8.25
N PHE A 337 7.09 0.36 -7.08
CA PHE A 337 7.72 1.12 -5.99
C PHE A 337 8.29 0.10 -5.01
N VAL A 338 9.20 0.54 -4.16
CA VAL A 338 9.54 -0.23 -2.96
C VAL A 338 9.25 0.61 -1.72
N ARG A 339 8.59 0.01 -0.72
CA ARG A 339 8.40 0.69 0.56
C ARG A 339 9.48 0.26 1.56
N ASN A 340 10.39 1.18 1.83
CA ASN A 340 11.42 0.97 2.85
C ASN A 340 10.80 1.04 4.25
N VAL A 341 11.46 0.49 5.28
CA VAL A 341 11.05 0.74 6.66
C VAL A 341 11.30 2.21 7.05
N GLY A 342 10.66 2.68 8.11
CA GLY A 342 10.77 4.06 8.57
C GLY A 342 12.00 4.29 9.45
N HIS A 343 12.05 5.44 10.13
CA HIS A 343 13.23 5.88 10.89
C HIS A 343 13.49 5.21 12.24
N LEU A 344 12.50 4.48 12.76
CA LEU A 344 12.58 4.02 14.15
C LEU A 344 13.55 2.86 14.40
N MET A 345 13.35 1.77 13.65
CA MET A 345 13.94 0.49 14.04
C MET A 345 15.39 0.29 13.63
N THR A 346 16.08 -0.52 14.42
CA THR A 346 17.41 -0.99 14.07
C THR A 346 17.27 -2.47 13.72
N ASN A 347 18.31 -3.06 13.17
CA ASN A 347 18.28 -4.48 12.80
C ASN A 347 19.69 -5.01 12.89
N ASP A 348 19.88 -6.17 13.52
CA ASP A 348 21.23 -6.66 13.74
C ASP A 348 21.93 -7.30 12.51
N ALA A 349 21.35 -7.09 11.33
CA ALA A 349 22.01 -7.45 10.08
C ALA A 349 23.38 -6.77 9.92
N ILE A 350 23.50 -5.58 10.51
CA ILE A 350 24.77 -4.90 10.68
C ILE A 350 24.76 -4.39 12.11
N VAL A 351 25.89 -4.53 12.80
CA VAL A 351 26.07 -3.93 14.12
C VAL A 351 27.40 -3.19 14.11
N ASP A 352 27.61 -2.27 15.04
CA ASP A 352 28.89 -1.58 15.07
C ASP A 352 29.87 -2.33 15.97
N THR A 353 31.06 -1.79 16.17
CA THR A 353 32.09 -2.46 16.95
C THR A 353 31.62 -2.73 18.38
N ASP A 354 30.81 -1.82 18.90
CA ASP A 354 30.30 -1.96 20.25
C ASP A 354 29.15 -2.96 20.35
N GLY A 355 28.70 -3.48 19.21
CA GLY A 355 27.60 -4.42 19.18
C GLY A 355 26.23 -3.78 18.96
N SER A 356 26.22 -2.47 18.73
CA SER A 356 24.99 -1.70 18.55
C SER A 356 24.42 -1.89 17.16
N GLU A 357 23.15 -2.24 17.08
CA GLU A 357 22.46 -2.44 15.79
C GLU A 357 22.31 -1.15 15.00
N VAL A 358 22.42 -1.27 13.68
CA VAL A 358 22.35 -0.14 12.76
C VAL A 358 20.89 0.15 12.40
N PHE A 359 20.54 1.43 12.25
CA PHE A 359 19.19 1.80 11.78
C PHE A 359 18.81 1.14 10.45
N GLU A 360 17.65 0.50 10.45
CA GLU A 360 17.19 -0.29 9.30
C GLU A 360 16.79 0.56 8.08
N GLY A 361 16.22 1.74 8.32
CA GLY A 361 15.92 2.68 7.24
C GLY A 361 17.13 3.11 6.42
N ILE A 362 18.26 3.35 7.08
CA ILE A 362 19.48 3.70 6.37
C ILE A 362 19.93 2.53 5.50
N MET A 363 19.89 1.33 6.08
CA MET A 363 20.25 0.13 5.34
C MET A 363 19.33 -0.15 4.15
N ASP A 364 18.01 -0.02 4.36
CA ASP A 364 17.05 -0.20 3.28
C ASP A 364 17.34 0.74 2.11
N ALA A 365 17.68 1.99 2.40
CA ALA A 365 17.96 2.95 1.34
C ALA A 365 19.16 2.51 0.48
N LEU A 366 20.22 2.11 1.15
CA LEU A 366 21.44 1.62 0.49
C LEU A 366 21.18 0.36 -0.33
N PHE A 367 20.57 -0.65 0.30
CA PHE A 367 20.41 -1.96 -0.35
C PHE A 367 19.28 -2.01 -1.37
N THR A 368 18.13 -1.41 -1.06
CA THR A 368 17.03 -1.47 -2.04
C THR A 368 17.34 -0.52 -3.20
N GLY A 369 18.18 0.49 -2.96
CA GLY A 369 18.56 1.41 -4.02
C GLY A 369 19.57 0.80 -4.97
N LEU A 370 20.55 0.08 -4.40
CA LEU A 370 21.54 -0.63 -5.19
C LEU A 370 20.82 -1.62 -6.12
N ILE A 371 20.07 -2.53 -5.51
CA ILE A 371 19.26 -3.49 -6.26
C ILE A 371 18.45 -2.87 -7.42
N ALA A 372 17.86 -1.70 -7.18
CA ALA A 372 16.95 -1.07 -8.15
C ALA A 372 17.66 -0.64 -9.44
N ILE A 373 18.99 -0.53 -9.38
CA ILE A 373 19.76 -0.23 -10.57
C ILE A 373 19.52 -1.28 -11.64
N HIS A 374 19.35 -2.52 -11.20
CA HIS A 374 19.08 -3.61 -12.13
C HIS A 374 17.78 -3.40 -12.93
N GLY A 375 16.81 -2.70 -12.32
CA GLY A 375 15.55 -2.42 -12.99
C GLY A 375 15.63 -1.32 -14.06
N LEU A 376 16.78 -0.66 -14.13
CA LEU A 376 16.98 0.39 -15.12
C LEU A 376 17.84 -0.08 -16.29
N LYS A 377 18.05 -1.39 -16.38
CA LYS A 377 18.96 -2.00 -17.34
C LYS A 377 18.36 -3.28 -17.88
N ALA A 378 18.64 -3.62 -19.14
CA ALA A 378 18.23 -4.92 -19.67
C ALA A 378 19.45 -5.82 -19.86
N SER A 379 19.62 -6.78 -18.94
CA SER A 379 20.76 -7.71 -18.91
C SER A 379 22.11 -7.03 -18.61
N ASP A 380 22.78 -7.45 -17.54
CA ASP A 380 22.30 -8.56 -16.70
C ASP A 380 22.20 -8.18 -15.23
N GLY A 383 19.11 -9.00 -15.85
CA GLY A 383 18.10 -9.87 -16.44
C GLY A 383 17.33 -9.17 -17.55
N PRO A 384 16.33 -9.86 -18.13
CA PRO A 384 15.60 -9.43 -19.33
C PRO A 384 14.71 -8.17 -19.22
N LEU A 385 14.33 -7.73 -18.03
CA LEU A 385 13.30 -6.67 -17.96
C LEU A 385 13.54 -5.39 -17.13
N ILE A 386 12.78 -4.36 -17.50
CA ILE A 386 12.93 -3.00 -17.03
C ILE A 386 11.74 -2.52 -16.19
N ASN A 387 12.05 -1.75 -15.15
CA ASN A 387 11.02 -1.07 -14.38
C ASN A 387 10.76 0.34 -14.93
N SER A 388 11.64 1.27 -14.59
CA SER A 388 11.46 2.65 -14.99
C SER A 388 12.21 3.03 -16.26
N ARG A 389 11.44 3.32 -17.31
CA ARG A 389 12.01 3.81 -18.57
C ARG A 389 12.70 5.17 -18.42
N THR A 390 12.19 6.01 -17.52
CA THR A 390 12.68 7.37 -17.42
C THR A 390 13.90 7.54 -16.51
N GLY A 391 14.40 6.43 -15.97
CA GLY A 391 15.59 6.46 -15.13
C GLY A 391 15.40 6.81 -13.66
N SER A 392 14.22 6.57 -13.10
CA SER A 392 13.96 6.83 -11.68
C SER A 392 13.86 5.53 -10.87
N ILE A 393 14.06 5.67 -9.56
CA ILE A 393 13.89 4.61 -8.57
C ILE A 393 12.87 5.16 -7.58
N TYR A 394 11.81 4.42 -7.32
CA TYR A 394 10.69 4.95 -6.52
C TYR A 394 10.64 4.34 -5.13
N ILE A 395 10.84 5.17 -4.10
CA ILE A 395 10.85 4.70 -2.73
C ILE A 395 9.75 5.32 -1.86
N VAL A 396 8.91 4.48 -1.28
CA VAL A 396 7.91 4.94 -0.32
C VAL A 396 8.53 4.94 1.06
N LYS A 397 8.39 6.06 1.76
CA LYS A 397 8.94 6.21 3.10
C LYS A 397 7.80 6.42 4.10
N PRO A 398 7.58 5.43 4.98
CA PRO A 398 6.45 5.47 5.91
C PRO A 398 6.79 6.13 7.24
N LYS A 399 5.73 6.49 7.97
CA LYS A 399 5.84 6.84 9.37
C LYS A 399 6.78 8.02 9.66
N MET A 400 6.90 8.93 8.71
CA MET A 400 7.65 10.15 8.99
C MET A 400 6.79 11.15 9.78
N HIS A 401 7.43 11.84 10.70
CA HIS A 401 6.75 12.83 11.56
C HIS A 401 7.30 14.23 11.25
N GLY A 402 6.69 14.92 10.31
CA GLY A 402 7.05 16.31 10.05
C GLY A 402 8.21 16.55 9.10
N PRO A 403 8.45 17.83 8.73
CA PRO A 403 9.36 18.28 7.67
C PRO A 403 10.85 18.06 7.94
N ALA A 404 11.29 18.08 9.19
CA ALA A 404 12.69 17.79 9.48
C ALA A 404 13.00 16.34 9.16
N GLU A 405 12.03 15.45 9.39
CA GLU A 405 12.19 14.02 9.07
C GLU A 405 12.12 13.77 7.57
N VAL A 406 11.35 14.57 6.85
CA VAL A 406 11.33 14.47 5.39
C VAL A 406 12.68 14.90 4.80
N ALA A 407 13.22 16.00 5.31
CA ALA A 407 14.49 16.51 4.83
C ALA A 407 15.63 15.53 5.08
N PHE A 408 15.61 14.88 6.23
CA PHE A 408 16.60 13.87 6.56
C PHE A 408 16.56 12.72 5.54
N THR A 409 15.35 12.29 5.18
CA THR A 409 15.19 11.21 4.20
C THR A 409 15.78 11.59 2.84
N CYS A 410 15.47 12.82 2.40
CA CYS A 410 16.00 13.35 1.15
C CYS A 410 17.53 13.45 1.16
N GLU A 411 18.10 13.83 2.30
CA GLU A 411 19.56 13.83 2.43
C GLU A 411 20.14 12.41 2.43
N LEU A 412 19.43 11.47 3.05
CA LEU A 412 19.84 10.06 3.02
C LEU A 412 19.90 9.56 1.57
N PHE A 413 18.88 9.90 0.79
CA PHE A 413 18.80 9.47 -0.59
C PHE A 413 19.92 10.12 -1.40
N SER A 414 20.13 11.42 -1.16
CA SER A 414 21.21 12.14 -1.81
C SER A 414 22.56 11.45 -1.57
N ARG A 415 22.81 11.04 -0.34
CA ARG A 415 24.08 10.38 -0.01
C ARG A 415 24.22 8.98 -0.62
N VAL A 416 23.10 8.26 -0.70
CA VAL A 416 23.08 6.93 -1.28
C VAL A 416 23.36 7.04 -2.78
N GLU A 417 22.73 8.01 -3.42
CA GLU A 417 22.91 8.29 -4.85
C GLU A 417 24.39 8.49 -5.17
N ASP A 418 25.07 9.18 -4.28
CA ASP A 418 26.51 9.40 -4.36
C ASP A 418 27.29 8.09 -4.25
N VAL A 419 26.88 7.22 -3.33
CA VAL A 419 27.54 5.94 -3.14
C VAL A 419 27.37 5.06 -4.36
N LEU A 420 26.19 5.13 -4.96
CA LEU A 420 25.82 4.25 -6.07
C LEU A 420 26.14 4.82 -7.45
N GLY A 421 26.66 6.04 -7.51
CA GLY A 421 27.00 6.65 -8.78
C GLY A 421 25.82 7.11 -9.62
N LEU A 422 24.69 7.33 -8.96
CA LEU A 422 23.50 7.81 -9.65
C LEU A 422 23.47 9.34 -9.68
N PRO A 423 22.87 9.91 -10.72
CA PRO A 423 22.62 11.36 -10.75
C PRO A 423 21.71 11.75 -9.59
N GLN A 424 21.92 12.94 -9.04
CA GLN A 424 21.10 13.45 -7.94
C GLN A 424 19.63 13.45 -8.30
N ASN A 425 18.79 13.12 -7.32
CA ASN A 425 17.34 13.05 -7.48
C ASN A 425 16.87 11.88 -8.35
N THR A 426 17.72 10.86 -8.51
CA THR A 426 17.29 9.59 -9.11
C THR A 426 16.24 8.90 -8.23
N MET A 427 16.53 8.85 -6.93
CA MET A 427 15.67 8.20 -5.96
C MET A 427 14.53 9.14 -5.54
N LYS A 428 13.34 8.84 -6.04
CA LYS A 428 12.16 9.64 -5.76
C LYS A 428 11.50 9.18 -4.48
N ILE A 429 10.70 10.06 -3.85
CA ILE A 429 10.07 9.72 -2.58
C ILE A 429 8.55 9.73 -2.62
N GLY A 430 7.95 8.70 -2.03
CA GLY A 430 6.52 8.67 -1.84
C GLY A 430 6.28 8.93 -0.36
N ILE A 431 5.65 10.04 -0.04
CA ILE A 431 5.46 10.43 1.34
C ILE A 431 4.12 9.95 1.86
N MET A 432 4.16 9.02 2.81
CA MET A 432 2.95 8.60 3.51
C MET A 432 2.60 9.64 4.54
N ASP A 433 1.36 10.13 4.48
CA ASP A 433 0.84 11.05 5.50
C ASP A 433 0.09 10.15 6.48
N GLU A 434 0.78 9.66 7.50
CA GLU A 434 0.17 8.70 8.39
C GLU A 434 0.54 8.95 9.83
N GLU A 435 1.06 10.14 10.10
CA GLU A 435 1.42 10.55 11.45
C GLU A 435 0.91 11.98 11.61
N ARG A 436 0.46 12.33 12.81
CA ARG A 436 -0.21 13.61 13.04
C ARG A 436 0.67 14.81 12.75
N ARG A 437 1.96 14.71 13.10
CA ARG A 437 2.89 15.84 12.94
C ARG A 437 3.25 16.13 11.48
N THR A 438 3.04 15.13 10.62
CA THR A 438 3.11 15.35 9.18
C THR A 438 1.82 15.97 8.67
N THR A 439 0.69 15.38 9.05
CA THR A 439 -0.60 15.93 8.66
C THR A 439 -0.69 17.45 8.86
N VAL A 440 -0.32 17.93 10.04
CA VAL A 440 -0.53 19.35 10.34
C VAL A 440 0.59 20.22 9.77
N ASN A 441 1.65 19.61 9.28
CA ASN A 441 2.73 20.32 8.60
C ASN A 441 2.91 19.85 7.16
N LEU A 442 1.82 19.43 6.53
CA LEU A 442 1.90 18.75 5.24
C LEU A 442 2.57 19.55 4.12
N LYS A 443 2.15 20.81 3.97
CA LYS A 443 2.72 21.67 2.94
C LYS A 443 4.23 21.77 3.06
N ALA A 444 4.74 21.96 4.28
CA ALA A 444 6.19 22.00 4.52
C ALA A 444 6.88 20.65 4.25
N CYS A 445 6.17 19.56 4.51
CA CYS A 445 6.70 18.23 4.22
C CYS A 445 6.90 18.03 2.73
N ILE A 446 5.91 18.43 1.94
CA ILE A 446 6.01 18.35 0.49
C ILE A 446 7.12 19.28 0.01
N LYS A 447 7.24 20.44 0.64
CA LYS A 447 8.27 21.40 0.24
C LYS A 447 9.66 20.85 0.48
N ALA A 448 9.82 20.17 1.62
CA ALA A 448 11.08 19.56 1.99
C ALA A 448 11.54 18.51 0.98
N ALA A 449 10.61 18.03 0.15
CA ALA A 449 10.92 17.02 -0.85
C ALA A 449 10.53 17.47 -2.28
N ALA A 450 10.47 18.79 -2.48
CA ALA A 450 9.94 19.40 -3.70
C ALA A 450 10.49 18.85 -5.03
N ASP A 451 11.74 18.39 -5.03
CA ASP A 451 12.34 17.87 -6.27
C ASP A 451 12.44 16.34 -6.32
N ARG A 452 11.91 15.68 -5.29
CA ARG A 452 11.96 14.22 -5.20
C ARG A 452 10.59 13.57 -5.08
N VAL A 453 9.59 14.32 -4.64
CA VAL A 453 8.27 13.72 -4.32
C VAL A 453 7.49 13.23 -5.54
N VAL A 454 6.92 12.02 -5.45
CA VAL A 454 6.13 11.47 -6.56
C VAL A 454 4.75 11.00 -6.11
N PHE A 455 4.54 10.94 -4.79
CA PHE A 455 3.20 10.84 -4.24
C PHE A 455 3.06 11.26 -2.79
N ILE A 456 1.80 11.43 -2.41
CA ILE A 456 1.40 11.55 -1.02
C ILE A 456 0.18 10.67 -0.90
N ASN A 457 -0.01 10.02 0.25
CA ASN A 457 -1.24 9.27 0.44
C ASN A 457 -1.70 9.20 1.89
N THR A 458 -3.00 8.95 2.08
CA THR A 458 -3.58 8.79 3.42
C THR A 458 -4.06 7.35 3.67
N GLY A 459 -4.54 7.09 4.88
CA GLY A 459 -4.92 5.75 5.30
C GLY A 459 -5.58 5.82 6.67
N PHE A 460 -6.01 4.67 7.20
CA PHE A 460 -6.78 4.66 8.45
C PHE A 460 -5.94 4.26 9.63
N LEU A 461 -5.24 3.13 9.52
CA LEU A 461 -4.68 2.44 10.68
C LEU A 461 -3.56 3.18 11.41
N ASP A 462 -2.42 3.41 10.75
CA ASP A 462 -1.31 4.11 11.42
C ASP A 462 -1.75 5.49 11.89
N ARG A 463 -2.44 6.22 11.03
CA ARG A 463 -2.77 7.61 11.37
C ARG A 463 -3.66 7.67 12.63
N THR A 464 -4.63 6.75 12.71
CA THR A 464 -5.53 6.68 13.86
C THR A 464 -4.80 6.22 15.13
N GLY A 465 -3.87 5.28 14.98
CA GLY A 465 -3.00 4.91 16.09
C GLY A 465 -2.18 6.07 16.62
N ASP A 466 -1.70 6.93 15.73
CA ASP A 466 -0.89 8.09 16.14
C ASP A 466 -1.79 9.14 16.81
N GLU A 467 -2.98 9.35 16.24
CA GLU A 467 -3.99 10.20 16.85
C GLU A 467 -4.25 9.79 18.31
N ILE A 468 -4.54 8.51 18.50
CA ILE A 468 -4.81 7.99 19.84
C ILE A 468 -3.61 8.20 20.77
N HIS A 469 -2.42 7.84 20.32
CA HIS A 469 -1.26 7.88 21.18
C HIS A 469 -0.92 9.31 21.57
N THR A 470 -1.00 10.20 20.59
CA THR A 470 -0.67 11.62 20.82
C THR A 470 -1.53 12.25 21.90
N SER A 471 -2.84 11.97 21.88
CA SER A 471 -3.73 12.52 22.89
C SER A 471 -4.15 11.49 23.94
N MET A 472 -3.30 10.49 24.15
CA MET A 472 -3.50 9.46 25.17
C MET A 472 -3.99 10.02 26.52
N GLU A 473 -3.36 11.10 27.00
CA GLU A 473 -3.67 11.65 28.32
C GLU A 473 -4.90 12.57 28.35
N ALA A 474 -5.45 12.86 27.18
CA ALA A 474 -6.59 13.78 27.12
C ALA A 474 -7.87 13.15 27.64
N GLY A 475 -7.97 11.82 27.56
CA GLY A 475 -9.18 11.14 27.96
C GLY A 475 -9.48 9.90 27.13
N PRO A 476 -10.62 9.25 27.40
CA PRO A 476 -11.11 8.08 26.67
C PRO A 476 -11.51 8.40 25.23
N MET A 477 -11.00 7.62 24.28
CA MET A 477 -11.31 7.82 22.85
C MET A 477 -12.55 7.02 22.43
N VAL A 478 -13.20 7.48 21.36
CA VAL A 478 -14.30 6.72 20.80
C VAL A 478 -13.84 5.34 20.30
N ARG A 479 -14.80 4.46 20.05
CA ARG A 479 -14.56 3.11 19.54
C ARG A 479 -13.90 3.13 18.16
N LYS A 480 -13.24 2.01 17.84
CA LYS A 480 -12.46 1.90 16.59
C LYS A 480 -13.32 2.12 15.33
N GLY A 481 -14.50 1.51 15.27
CA GLY A 481 -15.43 1.76 14.18
C GLY A 481 -15.81 3.22 14.01
N THR A 482 -15.97 3.93 15.12
CA THR A 482 -16.41 5.33 15.12
C THR A 482 -15.34 6.25 14.53
N MET A 483 -14.08 5.86 14.71
CA MET A 483 -12.95 6.66 14.24
C MET A 483 -13.00 6.98 12.75
N LYS A 484 -13.48 6.04 11.93
CA LYS A 484 -13.52 6.19 10.47
C LYS A 484 -14.30 7.41 9.99
N SER A 485 -15.19 7.93 10.84
CA SER A 485 -16.08 9.01 10.47
C SER A 485 -15.93 10.25 11.40
N GLN A 486 -14.88 10.25 12.22
CA GLN A 486 -14.63 11.39 13.09
C GLN A 486 -14.26 12.61 12.27
N PRO A 487 -14.59 13.80 12.79
CA PRO A 487 -14.17 15.07 12.17
C PRO A 487 -12.68 15.17 11.83
N TRP A 488 -11.79 14.70 12.71
CA TRP A 488 -10.36 14.87 12.45
C TRP A 488 -9.95 14.11 11.19
N ILE A 489 -10.53 12.94 10.97
CA ILE A 489 -10.06 12.08 9.88
C ILE A 489 -10.64 12.51 8.52
N LEU A 490 -11.85 13.03 8.53
CA LEU A 490 -12.44 13.60 7.33
C LEU A 490 -11.68 14.85 6.87
N ALA A 491 -11.28 15.69 7.82
CA ALA A 491 -10.46 16.86 7.51
C ALA A 491 -9.09 16.41 7.01
N TYR A 492 -8.50 15.45 7.72
CA TYR A 492 -7.23 14.83 7.31
C TYR A 492 -7.20 14.37 5.84
N GLU A 493 -8.24 13.65 5.43
CA GLU A 493 -8.37 13.17 4.05
C GLU A 493 -8.46 14.33 3.04
N ASP A 494 -9.36 15.28 3.30
CA ASP A 494 -9.50 16.47 2.44
C ASP A 494 -8.24 17.31 2.41
N HIS A 495 -7.61 17.48 3.56
CA HIS A 495 -6.40 18.29 3.69
C HIS A 495 -5.25 17.75 2.83
N ASN A 496 -5.15 16.43 2.77
CA ASN A 496 -4.08 15.80 2.02
C ASN A 496 -4.25 16.07 0.52
N VAL A 497 -5.45 15.86 0.00
CA VAL A 497 -5.72 16.19 -1.40
C VAL A 497 -5.46 17.68 -1.67
N ASP A 498 -6.05 18.54 -0.84
CA ASP A 498 -5.88 19.99 -0.94
C ASP A 498 -4.40 20.36 -1.05
N ALA A 499 -3.56 19.81 -0.18
CA ALA A 499 -2.15 20.16 -0.17
C ALA A 499 -1.47 19.67 -1.44
N GLY A 500 -1.83 18.48 -1.88
CA GLY A 500 -1.27 17.93 -3.11
C GLY A 500 -1.56 18.79 -4.33
N LEU A 501 -2.84 18.96 -4.63
CA LEU A 501 -3.27 19.77 -5.79
C LEU A 501 -2.65 21.18 -5.79
N ALA A 502 -2.68 21.86 -4.64
CA ALA A 502 -2.09 23.20 -4.54
C ALA A 502 -0.56 23.24 -4.71
N ALA A 503 0.13 22.11 -4.51
CA ALA A 503 1.58 22.05 -4.75
C ALA A 503 1.89 21.52 -6.14
N GLY A 504 0.85 21.42 -6.97
CA GLY A 504 0.99 21.09 -8.38
C GLY A 504 0.96 19.61 -8.75
N PHE A 505 0.39 18.77 -7.89
CA PHE A 505 0.45 17.33 -8.11
C PHE A 505 -0.26 16.86 -9.37
N SER A 506 -1.36 17.54 -9.73
CA SER A 506 -2.12 17.17 -10.91
C SER A 506 -1.22 17.23 -12.15
N GLY A 507 -1.15 16.12 -12.88
CA GLY A 507 -0.23 16.02 -14.01
C GLY A 507 1.23 15.79 -13.63
N ARG A 508 1.52 15.67 -12.33
CA ARG A 508 2.90 15.59 -11.87
C ARG A 508 3.22 14.42 -10.89
N ALA A 509 2.33 14.16 -9.94
CA ALA A 509 2.57 13.17 -8.90
C ALA A 509 1.26 12.59 -8.42
N GLN A 510 1.28 11.36 -7.89
CA GLN A 510 0.05 10.73 -7.44
C GLN A 510 -0.51 11.33 -6.15
N VAL A 511 -1.83 11.38 -6.04
CA VAL A 511 -2.50 11.71 -4.77
C VAL A 511 -3.36 10.52 -4.42
N GLY A 512 -2.97 9.80 -3.37
CA GLY A 512 -3.46 8.45 -3.12
C GLY A 512 -4.24 8.27 -1.85
N LYS A 513 -5.18 7.34 -1.84
CA LYS A 513 -5.95 7.03 -0.63
C LYS A 513 -5.86 5.56 -0.21
N GLY A 514 -6.53 5.23 0.89
CA GLY A 514 -6.23 4.02 1.64
C GLY A 514 -6.76 2.69 1.14
N MET A 515 -6.33 1.64 1.81
CA MET A 515 -6.63 0.27 1.40
C MET A 515 -8.08 -0.12 1.67
N TRP A 516 -8.70 -0.83 0.73
CA TRP A 516 -9.93 -1.55 1.01
C TRP A 516 -9.58 -2.89 1.67
N THR A 517 -9.91 -3.05 2.95
CA THR A 517 -9.46 -4.25 3.68
C THR A 517 -10.32 -5.50 3.50
N MET A 518 -11.62 -5.33 3.25
CA MET A 518 -12.54 -6.48 3.25
C MET A 518 -12.51 -7.28 1.96
N THR A 519 -11.55 -8.18 1.87
CA THR A 519 -11.15 -8.74 0.60
C THR A 519 -12.23 -9.57 -0.11
N GLU A 520 -13.24 -10.01 0.65
CA GLU A 520 -14.31 -10.80 0.04
C GLU A 520 -15.53 -9.96 -0.33
N LEU A 521 -15.60 -8.75 0.20
CA LEU A 521 -16.78 -7.91 0.02
C LEU A 521 -16.60 -7.02 -1.22
N MET A 522 -16.52 -7.66 -2.38
CA MET A 522 -16.23 -6.93 -3.61
C MET A 522 -17.42 -6.13 -4.12
N ALA A 523 -18.63 -6.62 -3.90
CA ALA A 523 -19.80 -5.86 -4.28
C ALA A 523 -19.79 -4.56 -3.50
N ASP A 524 -19.50 -4.67 -2.21
CA ASP A 524 -19.38 -3.49 -1.33
C ASP A 524 -18.26 -2.55 -1.75
N MET A 525 -17.14 -3.09 -2.21
CA MET A 525 -16.05 -2.24 -2.68
C MET A 525 -16.49 -1.46 -3.93
N VAL A 526 -17.08 -2.16 -4.89
CA VAL A 526 -17.46 -1.53 -6.14
C VAL A 526 -18.48 -0.41 -5.88
N GLU A 527 -19.40 -0.67 -4.96
CA GLU A 527 -20.40 0.31 -4.55
C GLU A 527 -19.79 1.54 -3.86
N THR A 528 -18.80 1.36 -3.01
CA THR A 528 -18.42 2.51 -2.18
C THR A 528 -17.04 3.12 -2.42
N LYS A 529 -16.07 2.32 -2.88
CA LYS A 529 -14.70 2.82 -3.02
C LYS A 529 -14.61 3.92 -4.11
N ILE A 530 -15.63 3.99 -4.97
CA ILE A 530 -15.70 5.05 -5.98
C ILE A 530 -15.68 6.46 -5.35
N ALA A 531 -16.02 6.55 -4.06
CA ALA A 531 -15.89 7.83 -3.35
C ALA A 531 -14.46 8.39 -3.42
N GLN A 532 -13.46 7.50 -3.54
CA GLN A 532 -12.07 7.94 -3.51
C GLN A 532 -11.62 8.74 -4.76
N PRO A 533 -11.82 8.19 -5.98
CA PRO A 533 -11.53 9.05 -7.14
C PRO A 533 -12.45 10.29 -7.19
N ARG A 534 -13.69 10.15 -6.72
CA ARG A 534 -14.59 11.30 -6.64
C ARG A 534 -14.05 12.42 -5.75
N ALA A 535 -13.13 12.07 -4.86
CA ALA A 535 -12.50 13.04 -3.97
C ALA A 535 -11.20 13.58 -4.57
N GLY A 536 -10.87 13.11 -5.77
CA GLY A 536 -9.74 13.64 -6.50
C GLY A 536 -8.45 12.86 -6.30
N ALA A 537 -8.56 11.68 -5.71
CA ALA A 537 -7.41 10.79 -5.59
C ALA A 537 -7.13 10.12 -6.93
N SER A 538 -5.90 10.26 -7.41
CA SER A 538 -5.52 9.65 -8.68
C SER A 538 -5.12 8.20 -8.47
N THR A 539 -4.94 7.81 -7.21
CA THR A 539 -4.72 6.39 -6.93
C THR A 539 -5.28 5.96 -5.58
N ALA A 540 -5.61 4.67 -5.46
CA ALA A 540 -6.04 4.10 -4.19
C ALA A 540 -5.59 2.64 -4.05
N TRP A 541 -5.38 2.22 -2.82
CA TRP A 541 -4.86 0.88 -2.58
C TRP A 541 -5.93 -0.20 -2.58
N VAL A 542 -5.58 -1.35 -3.15
CA VAL A 542 -6.47 -2.49 -3.23
C VAL A 542 -5.74 -3.72 -2.68
N PRO A 543 -6.48 -4.68 -2.09
CA PRO A 543 -5.92 -5.89 -1.45
C PRO A 543 -5.50 -7.03 -2.37
N SER A 544 -5.86 -7.02 -3.65
CA SER A 544 -5.56 -8.15 -4.54
C SER A 544 -5.61 -7.75 -6.01
N PRO A 545 -5.04 -8.59 -6.90
CA PRO A 545 -5.17 -8.35 -8.34
C PRO A 545 -6.63 -8.32 -8.79
N THR A 546 -7.45 -9.20 -8.25
CA THR A 546 -8.88 -9.22 -8.53
C THR A 546 -9.50 -7.89 -8.10
N ALA A 547 -9.08 -7.41 -6.92
CA ALA A 547 -9.55 -6.12 -6.42
C ALA A 547 -9.13 -4.97 -7.32
N ALA A 548 -7.91 -5.06 -7.86
CA ALA A 548 -7.40 -4.00 -8.74
C ALA A 548 -8.28 -3.89 -9.98
N THR A 549 -8.75 -5.03 -10.49
CA THR A 549 -9.52 -5.05 -11.74
C THR A 549 -10.86 -4.39 -11.52
N LEU A 550 -11.54 -4.78 -10.44
CA LEU A 550 -12.83 -4.17 -10.06
C LEU A 550 -12.78 -2.67 -9.74
N HIS A 551 -11.75 -2.24 -9.01
CA HIS A 551 -11.62 -0.83 -8.64
C HIS A 551 -11.32 0.01 -9.90
N ALA A 552 -10.70 -0.62 -10.91
CA ALA A 552 -10.40 0.05 -12.18
C ALA A 552 -11.66 0.57 -12.85
N LEU A 553 -12.76 -0.15 -12.67
CA LEU A 553 -14.07 0.30 -13.15
C LEU A 553 -14.38 1.72 -12.71
N HIS A 554 -13.88 2.10 -11.53
CA HIS A 554 -14.21 3.39 -10.95
C HIS A 554 -13.54 4.54 -11.69
N TYR A 555 -12.33 4.28 -12.18
CA TYR A 555 -11.57 5.29 -12.90
C TYR A 555 -12.11 5.50 -14.32
N HIS A 556 -12.89 4.54 -14.80
CA HIS A 556 -13.63 4.73 -16.05
C HIS A 556 -14.89 5.57 -15.85
N GLN A 557 -15.57 5.41 -14.72
CA GLN A 557 -16.74 6.22 -14.43
C GLN A 557 -16.37 7.66 -14.03
N VAL A 558 -15.27 7.80 -13.32
CA VAL A 558 -14.86 9.09 -12.79
C VAL A 558 -13.63 9.65 -13.51
N ASP A 559 -13.74 10.89 -13.99
CA ASP A 559 -12.64 11.56 -14.68
C ASP A 559 -11.82 12.32 -13.64
N VAL A 560 -10.83 11.64 -13.06
CA VAL A 560 -10.06 12.17 -11.93
C VAL A 560 -9.39 13.50 -12.26
N ALA A 561 -8.79 13.56 -13.45
CA ALA A 561 -8.14 14.78 -13.90
C ALA A 561 -9.12 15.95 -13.80
N ALA A 562 -10.33 15.76 -14.31
CA ALA A 562 -11.36 16.80 -14.27
C ALA A 562 -11.77 17.14 -12.84
N VAL A 563 -11.87 16.12 -11.99
CA VAL A 563 -12.16 16.31 -10.57
C VAL A 563 -11.09 17.18 -9.91
N GLN A 564 -9.83 16.84 -10.14
CA GLN A 564 -8.74 17.63 -9.56
C GLN A 564 -8.73 19.08 -10.02
N GLN A 565 -9.04 19.30 -11.30
CA GLN A 565 -9.10 20.65 -11.86
C GLN A 565 -10.16 21.46 -11.12
N GLY A 566 -11.27 20.80 -10.79
CA GLY A 566 -12.34 21.40 -10.02
C GLY A 566 -11.92 21.84 -8.62
N LEU A 567 -11.06 21.05 -7.97
CA LEU A 567 -10.72 21.26 -6.56
C LEU A 567 -9.56 22.23 -6.29
N ALA A 568 -8.81 22.56 -7.33
CA ALA A 568 -7.65 23.44 -7.15
C ALA A 568 -8.10 24.81 -6.66
N GLY A 569 -7.37 25.35 -5.69
CA GLY A 569 -7.73 26.62 -5.10
C GLY A 569 -8.68 26.55 -3.92
N LYS A 570 -9.30 25.39 -3.70
CA LYS A 570 -10.22 25.25 -2.56
C LYS A 570 -9.46 24.80 -1.30
N ARG A 571 -9.78 25.43 -0.17
CA ARG A 571 -9.27 24.93 1.10
C ARG A 571 -10.44 24.35 1.89
N ARG A 572 -10.48 23.02 2.00
CA ARG A 572 -11.64 22.34 2.59
C ARG A 572 -11.47 21.98 4.06
N ALA A 573 -10.27 22.12 4.59
CA ALA A 573 -10.03 21.77 5.98
C ALA A 573 -9.28 22.87 6.74
N THR A 574 -9.71 23.11 7.99
CA THR A 574 -9.04 24.09 8.84
C THR A 574 -8.10 23.34 9.78
N ILE A 575 -7.09 24.05 10.28
CA ILE A 575 -6.23 23.45 11.28
C ILE A 575 -7.03 22.96 12.50
N GLU A 576 -8.04 23.74 12.89
CA GLU A 576 -8.93 23.38 14.00
C GLU A 576 -9.55 22.00 13.81
N GLN A 577 -10.08 21.76 12.62
CA GLN A 577 -10.69 20.47 12.30
C GLN A 577 -9.68 19.35 12.40
N LEU A 578 -8.47 19.58 11.87
CA LEU A 578 -7.39 18.61 11.97
C LEU A 578 -7.05 18.31 13.42
N LEU A 579 -7.08 19.33 14.27
CA LEU A 579 -6.62 19.19 15.66
C LEU A 579 -7.70 18.69 16.59
N THR A 580 -8.87 18.39 16.04
CA THR A 580 -10.02 17.97 16.84
C THR A 580 -9.83 16.53 17.36
N ILE A 581 -9.50 16.42 18.64
CA ILE A 581 -9.25 15.13 19.28
C ILE A 581 -10.54 14.28 19.43
N PRO A 582 -10.49 13.01 18.97
CA PRO A 582 -11.66 12.13 19.00
C PRO A 582 -12.01 11.61 20.41
N LEU A 583 -12.19 12.51 21.37
CA LEU A 583 -12.61 12.11 22.73
C LEU A 583 -14.05 11.62 22.74
N ALA A 584 -14.33 10.59 23.55
CA ALA A 584 -15.69 10.12 23.74
C ALA A 584 -16.50 11.11 24.59
N LYS A 585 -17.81 11.17 24.36
CA LYS A 585 -18.69 12.01 25.19
C LYS A 585 -18.89 11.30 26.51
N GLU A 586 -19.23 12.05 27.56
CA GLU A 586 -19.39 11.49 28.90
C GLU A 586 -20.26 10.23 28.92
N LEU A 587 -19.66 9.14 29.40
CA LEU A 587 -20.29 7.82 29.44
C LEU A 587 -21.12 7.50 28.19
N ALA A 588 -20.44 7.37 27.06
CA ALA A 588 -21.10 7.09 25.80
C ALA A 588 -21.66 5.67 25.75
N TRP A 589 -21.06 4.75 26.49
CA TRP A 589 -21.31 3.33 26.25
C TRP A 589 -21.98 2.57 27.39
N ALA A 590 -22.86 1.65 27.02
CA ALA A 590 -23.40 0.68 27.96
C ALA A 590 -22.35 -0.40 28.18
N PRO A 591 -22.47 -1.18 29.27
CA PRO A 591 -21.50 -2.24 29.56
C PRO A 591 -21.32 -3.25 28.43
N ASP A 592 -22.37 -3.60 27.71
CA ASP A 592 -22.26 -4.60 26.65
C ASP A 592 -21.49 -4.07 25.43
N GLU A 593 -21.68 -2.79 25.11
CA GLU A 593 -20.93 -2.17 24.03
C GLU A 593 -19.45 -2.05 24.41
N ILE A 594 -19.18 -1.81 25.68
CA ILE A 594 -17.79 -1.73 26.14
C ILE A 594 -17.13 -3.07 25.91
N ARG A 595 -17.85 -4.12 26.31
CA ARG A 595 -17.37 -5.50 26.19
C ARG A 595 -17.17 -5.94 24.73
N GLU A 596 -18.09 -5.56 23.85
CA GLU A 596 -17.96 -5.92 22.43
C GLU A 596 -16.67 -5.33 21.87
N GLU A 597 -16.44 -4.05 22.17
CA GLU A 597 -15.24 -3.37 21.70
C GLU A 597 -13.96 -4.03 22.20
N VAL A 598 -13.93 -4.43 23.47
CA VAL A 598 -12.75 -5.10 24.01
C VAL A 598 -12.46 -6.40 23.27
N ASP A 599 -13.48 -7.25 23.14
CA ASP A 599 -13.36 -8.51 22.39
C ASP A 599 -12.92 -8.26 20.95
N ASN A 600 -13.52 -7.26 20.31
CA ASN A 600 -13.18 -6.89 18.93
C ASN A 600 -11.69 -6.59 18.79
N ASN A 601 -11.19 -5.72 19.64
CA ASN A 601 -9.78 -5.35 19.62
C ASN A 601 -8.84 -6.45 20.08
N CYS A 602 -9.27 -7.25 21.06
CA CYS A 602 -8.45 -8.37 21.49
C CYS A 602 -8.34 -9.45 20.40
N GLN A 603 -9.44 -9.75 19.71
CA GLN A 603 -9.28 -10.72 18.64
C GLN A 603 -8.58 -10.14 17.41
N SER A 604 -8.66 -8.82 17.20
CA SER A 604 -7.90 -8.20 16.12
C SER A 604 -6.43 -8.43 16.36
N ILE A 605 -6.00 -8.18 17.59
CA ILE A 605 -4.59 -8.34 17.95
C ILE A 605 -4.17 -9.82 17.85
N LEU A 606 -4.91 -10.69 18.52
CA LEU A 606 -4.54 -12.12 18.55
C LEU A 606 -4.47 -12.74 17.17
N GLY A 607 -5.45 -12.42 16.33
CA GLY A 607 -5.52 -13.05 15.01
C GLY A 607 -4.31 -12.71 14.13
N TYR A 608 -3.85 -11.46 14.24
CA TYR A 608 -2.70 -11.00 13.48
C TYR A 608 -1.39 -11.45 14.12
N VAL A 609 -1.28 -11.27 15.44
CA VAL A 609 -0.03 -11.57 16.15
C VAL A 609 0.34 -13.05 16.08
N VAL A 610 -0.66 -13.93 16.11
CA VAL A 610 -0.34 -15.35 16.15
C VAL A 610 0.35 -15.82 14.86
N ARG A 611 -0.01 -15.21 13.73
CA ARG A 611 0.60 -15.58 12.45
C ARG A 611 1.97 -14.90 12.27
N TRP A 612 2.08 -13.69 12.81
CA TRP A 612 3.33 -12.93 12.75
C TRP A 612 4.44 -13.61 13.56
N VAL A 613 4.17 -13.83 14.84
CA VAL A 613 5.17 -14.35 15.77
C VAL A 613 5.52 -15.80 15.48
N ASP A 614 4.50 -16.63 15.27
CA ASP A 614 4.70 -18.07 15.08
C ASP A 614 5.16 -18.42 13.66
N GLN A 615 4.73 -17.64 12.67
CA GLN A 615 4.95 -18.00 11.26
C GLN A 615 5.68 -16.97 10.40
N GLY A 616 5.92 -15.78 10.93
CA GLY A 616 6.62 -14.77 10.15
C GLY A 616 5.79 -14.28 8.97
N VAL A 617 4.47 -14.32 9.12
CA VAL A 617 3.55 -13.86 8.09
C VAL A 617 2.93 -12.53 8.51
N GLY A 618 3.14 -11.48 7.72
CA GLY A 618 2.70 -10.15 8.09
C GLY A 618 1.47 -9.66 7.34
N ALA A 619 1.01 -10.43 6.37
CA ALA A 619 -0.15 -10.07 5.55
C ALA A 619 -0.83 -11.34 5.06
N SER A 620 -2.11 -11.49 5.39
CA SER A 620 -2.89 -12.66 5.00
C SER A 620 -4.36 -12.33 5.21
N LYS A 621 -5.26 -13.17 4.71
CA LYS A 621 -6.68 -12.95 4.96
C LYS A 621 -7.02 -13.47 6.35
N VAL A 622 -7.29 -12.54 7.28
CA VAL A 622 -7.58 -12.92 8.66
C VAL A 622 -9.04 -12.66 9.05
N PRO A 623 -9.75 -13.71 9.47
CA PRO A 623 -11.16 -13.52 9.85
C PRO A 623 -11.23 -12.67 11.11
N ASP A 624 -12.15 -11.71 11.14
CA ASP A 624 -12.36 -10.90 12.33
C ASP A 624 -13.37 -11.59 13.24
N ILE A 625 -13.85 -10.86 14.24
CA ILE A 625 -14.73 -11.44 15.25
C ILE A 625 -16.08 -11.83 14.64
N HIS A 626 -16.44 -11.21 13.51
CA HIS A 626 -17.66 -11.57 12.80
C HIS A 626 -17.36 -12.49 11.62
N ASP A 627 -16.15 -13.05 11.61
CA ASP A 627 -15.67 -13.93 10.55
C ASP A 627 -15.60 -13.30 9.15
N VAL A 628 -15.56 -11.97 9.09
CA VAL A 628 -15.30 -11.24 7.84
C VAL A 628 -13.80 -11.28 7.52
N ALA A 629 -13.44 -11.77 6.33
CA ALA A 629 -12.03 -11.82 5.94
C ALA A 629 -11.48 -10.40 5.74
N LEU A 630 -10.49 -10.03 6.55
CA LEU A 630 -9.82 -8.73 6.41
C LEU A 630 -8.35 -8.91 6.08
N MET A 631 -7.88 -8.10 5.15
CA MET A 631 -6.46 -8.10 4.78
C MET A 631 -5.83 -6.83 5.28
N GLU A 632 -5.35 -6.84 6.52
CA GLU A 632 -4.71 -5.66 7.10
C GLU A 632 -3.23 -5.91 7.38
N ASP A 633 -2.47 -4.83 7.52
CA ASP A 633 -1.07 -4.98 7.90
C ASP A 633 -0.86 -4.73 9.39
N ARG A 634 0.41 -4.67 9.80
CA ARG A 634 0.82 -4.45 11.20
C ARG A 634 0.13 -3.25 11.88
N ALA A 635 -0.27 -2.25 11.10
CA ALA A 635 -0.88 -1.07 11.70
C ALA A 635 -2.21 -1.36 12.39
N THR A 636 -2.81 -2.51 12.07
CA THR A 636 -3.97 -2.97 12.83
C THR A 636 -3.60 -3.23 14.30
N LEU A 637 -2.37 -3.69 14.53
CA LEU A 637 -1.89 -3.84 15.90
C LEU A 637 -1.76 -2.50 16.59
N ARG A 638 -1.33 -1.48 15.85
CA ARG A 638 -1.11 -0.16 16.46
C ARG A 638 -2.41 0.49 16.92
N ILE A 639 -3.42 0.51 16.06
CA ILE A 639 -4.69 1.09 16.45
C ILE A 639 -5.34 0.30 17.60
N SER A 640 -5.39 -1.03 17.47
CA SER A 640 -6.12 -1.85 18.44
C SER A 640 -5.46 -1.84 19.81
N SER A 641 -4.13 -1.92 19.83
CA SER A 641 -3.41 -1.86 21.09
C SER A 641 -3.46 -0.46 21.74
N GLN A 642 -3.43 0.59 20.92
CA GLN A 642 -3.57 1.95 21.45
C GLN A 642 -4.97 2.22 22.03
N LEU A 643 -6.00 1.72 21.37
CA LEU A 643 -7.36 1.98 21.87
C LEU A 643 -7.52 1.30 23.22
N LEU A 644 -7.11 0.04 23.32
CA LEU A 644 -7.16 -0.68 24.59
C LEU A 644 -6.25 -0.05 25.67
N ALA A 645 -5.08 0.45 25.30
CA ALA A 645 -4.22 1.12 26.28
C ALA A 645 -4.90 2.38 26.81
N ASN A 646 -5.57 3.09 25.91
CA ASN A 646 -6.29 4.30 26.27
C ASN A 646 -7.47 4.02 27.21
N TRP A 647 -8.21 2.96 26.93
CA TRP A 647 -9.36 2.63 27.75
C TRP A 647 -8.85 2.19 29.14
N LEU A 648 -7.74 1.47 29.16
CA LEU A 648 -7.14 1.04 30.42
C LEU A 648 -6.58 2.23 31.23
N ARG A 649 -6.01 3.21 30.54
CA ARG A 649 -5.43 4.39 31.18
C ARG A 649 -6.46 5.27 31.88
N HIS A 650 -7.68 5.27 31.36
CA HIS A 650 -8.72 6.18 31.83
C HIS A 650 -9.86 5.47 32.55
N GLY A 651 -9.64 4.19 32.84
CA GLY A 651 -10.55 3.45 33.72
C GLY A 651 -11.87 3.10 33.08
N VAL A 652 -11.87 2.94 31.75
CA VAL A 652 -13.05 2.45 31.05
C VAL A 652 -13.12 0.96 31.25
N ILE A 653 -11.96 0.32 31.22
CA ILE A 653 -11.84 -1.12 31.45
C ILE A 653 -10.75 -1.38 32.47
N THR A 654 -10.74 -2.60 33.00
CA THR A 654 -9.77 -2.99 34.00
C THR A 654 -8.81 -4.00 33.39
N SER A 655 -7.67 -4.20 34.04
CA SER A 655 -6.70 -5.19 33.56
C SER A 655 -7.26 -6.61 33.62
N ALA A 656 -8.26 -6.86 34.47
CA ALA A 656 -8.90 -8.16 34.50
C ALA A 656 -9.80 -8.33 33.28
N ASP A 657 -10.41 -7.23 32.83
CA ASP A 657 -11.28 -7.26 31.65
C ASP A 657 -10.46 -7.67 30.41
N VAL A 658 -9.26 -7.10 30.30
CA VAL A 658 -8.36 -7.41 29.18
C VAL A 658 -7.95 -8.87 29.20
N ARG A 659 -7.56 -9.35 30.38
CA ARG A 659 -7.13 -10.73 30.53
C ARG A 659 -8.24 -11.69 30.12
N ALA A 660 -9.45 -11.38 30.57
CA ALA A 660 -10.61 -12.20 30.33
C ALA A 660 -10.93 -12.26 28.82
N SER A 661 -10.85 -11.10 28.18
CA SER A 661 -11.11 -11.02 26.76
C SER A 661 -10.08 -11.80 25.95
N LEU A 662 -8.78 -11.59 26.22
CA LEU A 662 -7.73 -12.35 25.55
C LEU A 662 -7.96 -13.85 25.71
N GLU A 663 -8.41 -14.23 26.91
CA GLU A 663 -8.73 -15.62 27.23
C GLU A 663 -9.91 -16.16 26.42
N ARG A 664 -10.99 -15.38 26.32
CA ARG A 664 -12.15 -15.79 25.52
C ARG A 664 -11.82 -15.90 24.05
N MET A 665 -11.10 -14.90 23.54
CA MET A 665 -10.88 -14.80 22.10
C MET A 665 -9.84 -15.78 21.55
N ALA A 666 -8.88 -16.18 22.38
CA ALA A 666 -7.83 -17.08 21.91
C ALA A 666 -8.35 -18.40 21.29
N PRO A 667 -9.20 -19.16 22.01
CA PRO A 667 -9.69 -20.39 21.36
C PRO A 667 -10.55 -20.10 20.14
N LEU A 668 -11.17 -18.93 20.10
CA LEU A 668 -11.91 -18.53 18.92
C LEU A 668 -10.95 -18.34 17.76
N VAL A 669 -9.82 -17.67 18.03
CA VAL A 669 -8.78 -17.51 17.01
C VAL A 669 -8.23 -18.86 16.57
N ASP A 670 -8.01 -19.77 17.52
CA ASP A 670 -7.54 -21.13 17.20
C ASP A 670 -8.42 -21.82 16.17
N ARG A 671 -9.74 -21.77 16.38
CA ARG A 671 -10.70 -22.38 15.49
C ARG A 671 -10.66 -21.74 14.12
N GLN A 672 -10.38 -20.45 14.09
CA GLN A 672 -10.26 -19.72 12.83
C GLN A 672 -9.03 -20.17 12.00
N ASN A 673 -8.07 -20.81 12.66
CA ASN A 673 -6.86 -21.27 11.97
C ASN A 673 -6.82 -22.78 11.74
N ALA A 674 -7.99 -23.41 11.84
CA ALA A 674 -8.13 -24.85 11.63
C ALA A 674 -7.54 -25.33 10.29
N GLY A 675 -7.76 -24.56 9.24
CA GLY A 675 -7.24 -24.91 7.91
C GLY A 675 -5.72 -24.93 7.75
N ASP A 676 -4.97 -24.48 8.75
CA ASP A 676 -3.51 -24.38 8.68
C ASP A 676 -2.73 -25.55 9.26
N VAL A 677 -1.84 -26.09 8.48
CA VAL A 677 -1.02 -27.21 8.89
C VAL A 677 -0.03 -26.92 9.99
N ALA A 678 0.66 -25.79 9.89
CA ALA A 678 1.69 -25.36 10.81
C ALA A 678 1.22 -24.69 12.07
N TYR A 679 -0.06 -24.43 12.14
CA TYR A 679 -0.59 -23.71 13.29
C TYR A 679 -0.46 -24.51 14.58
N ARG A 680 0.00 -23.86 15.63
CA ARG A 680 0.00 -24.47 16.96
C ARG A 680 -0.83 -23.59 17.90
N PRO A 681 -1.86 -24.20 18.52
CA PRO A 681 -2.91 -23.46 19.24
C PRO A 681 -2.43 -22.72 20.48
N MET A 682 -2.98 -21.54 20.72
CA MET A 682 -2.61 -20.72 21.86
C MET A 682 -3.26 -21.25 23.14
N ALA A 683 -4.54 -21.55 23.07
CA ALA A 683 -5.31 -22.06 24.21
C ALA A 683 -5.20 -23.59 24.29
N PRO A 684 -5.42 -24.18 25.49
CA PRO A 684 -5.80 -23.56 26.77
C PRO A 684 -4.62 -23.05 27.60
N ASN A 685 -3.39 -23.24 27.14
CA ASN A 685 -2.21 -22.85 27.91
C ASN A 685 -1.52 -21.58 27.41
N PHE A 686 -2.00 -20.43 27.87
CA PHE A 686 -1.61 -19.14 27.33
C PHE A 686 -0.17 -18.72 27.60
N ASP A 687 0.30 -18.87 28.82
CA ASP A 687 1.66 -18.42 29.16
C ASP A 687 2.78 -19.25 28.52
N ASP A 688 2.41 -20.34 27.84
CA ASP A 688 3.38 -21.16 27.13
C ASP A 688 3.50 -20.70 25.67
N SER A 689 2.64 -19.77 25.29
CA SER A 689 2.57 -19.27 23.91
C SER A 689 3.20 -17.87 23.81
N ILE A 690 4.33 -17.80 23.11
CA ILE A 690 5.01 -16.53 22.91
C ILE A 690 4.12 -15.52 22.19
N ALA A 691 3.33 -16.01 21.24
CA ALA A 691 2.36 -15.19 20.51
C ALA A 691 1.34 -14.57 21.46
N PHE A 692 0.78 -15.39 22.35
CA PHE A 692 -0.22 -14.88 23.27
C PHE A 692 0.39 -13.83 24.19
N LEU A 693 1.56 -14.14 24.73
CA LEU A 693 2.26 -13.22 25.59
C LEU A 693 2.60 -11.93 24.85
N ALA A 694 2.86 -12.04 23.53
CA ALA A 694 3.22 -10.88 22.73
C ALA A 694 2.02 -9.97 22.64
N ALA A 695 0.86 -10.58 22.44
CA ALA A 695 -0.41 -9.86 22.33
C ALA A 695 -0.76 -9.16 23.63
N GLN A 696 -0.49 -9.82 24.75
CA GLN A 696 -0.83 -9.29 26.04
C GLN A 696 0.08 -8.12 26.37
N GLU A 697 1.35 -8.25 25.98
CA GLU A 697 2.34 -7.20 26.18
C GLU A 697 2.03 -5.95 25.36
N LEU A 698 1.55 -6.14 24.12
CA LEU A 698 1.20 -5.01 23.26
C LEU A 698 0.16 -4.10 23.90
N ILE A 699 -0.73 -4.71 24.67
CA ILE A 699 -1.79 -3.94 25.30
C ILE A 699 -1.32 -3.28 26.59
N LEU A 700 -0.76 -4.09 27.48
CA LEU A 700 -0.46 -3.60 28.82
C LEU A 700 0.75 -2.65 28.82
N SER A 701 1.61 -2.80 27.82
CA SER A 701 2.76 -1.90 27.67
C SER A 701 2.53 -0.86 26.57
N GLY A 702 1.36 -0.88 25.93
CA GLY A 702 1.03 0.00 24.83
C GLY A 702 1.24 1.48 25.08
N ALA A 703 0.77 1.97 26.23
CA ALA A 703 0.89 3.40 26.53
C ALA A 703 2.35 3.87 26.62
N GLN A 704 3.28 2.94 26.83
CA GLN A 704 4.69 3.27 27.00
C GLN A 704 5.56 3.15 25.72
N GLN A 705 5.00 2.61 24.65
CA GLN A 705 5.79 2.41 23.43
C GLN A 705 5.95 3.72 22.66
N PRO A 706 7.09 3.92 21.96
CA PRO A 706 7.31 5.22 21.32
C PRO A 706 6.30 5.46 20.20
N ASN A 707 5.53 6.54 20.34
CA ASN A 707 4.42 6.85 19.44
C ASN A 707 3.48 5.65 19.21
N GLY A 708 3.44 4.76 20.21
CA GLY A 708 2.63 3.56 20.19
C GLY A 708 3.05 2.54 19.13
N TYR A 709 4.26 2.65 18.61
CA TYR A 709 4.75 1.68 17.63
C TYR A 709 4.84 0.27 18.24
N THR A 710 4.49 -0.74 17.45
CA THR A 710 4.45 -2.12 17.95
C THR A 710 5.71 -2.92 17.59
N GLU A 711 6.50 -2.42 16.64
CA GLU A 711 7.67 -3.18 16.18
C GLU A 711 8.67 -3.57 17.29
N PRO A 712 8.94 -2.66 18.25
CA PRO A 712 9.91 -3.08 19.27
C PRO A 712 9.50 -4.37 19.99
N ILE A 713 8.24 -4.45 20.39
CA ILE A 713 7.76 -5.64 21.07
C ILE A 713 7.65 -6.83 20.13
N LEU A 714 6.99 -6.62 18.98
CA LEU A 714 6.84 -7.65 17.95
C LEU A 714 8.16 -8.30 17.53
N HIS A 715 9.17 -7.48 17.25
CA HIS A 715 10.45 -8.02 16.76
C HIS A 715 11.12 -8.88 17.82
N ARG A 716 11.04 -8.43 19.06
CA ARG A 716 11.64 -9.16 20.16
C ARG A 716 10.96 -10.52 20.33
N ARG A 717 9.63 -10.53 20.28
CA ARG A 717 8.85 -11.75 20.46
C ARG A 717 9.07 -12.76 19.34
N ARG A 718 9.09 -12.30 18.09
CA ARG A 718 9.40 -13.19 16.96
C ARG A 718 10.83 -13.76 17.04
N ARG A 719 11.78 -12.92 17.43
CA ARG A 719 13.15 -13.35 17.62
C ARG A 719 13.23 -14.42 18.71
N GLU A 720 12.48 -14.20 19.78
CA GLU A 720 12.35 -15.19 20.85
C GLU A 720 11.78 -16.51 20.31
N PHE A 721 10.76 -16.43 19.46
CA PHE A 721 10.14 -17.62 18.89
C PHE A 721 11.15 -18.35 18.02
N LYS A 722 11.82 -17.61 17.15
CA LYS A 722 12.81 -18.20 16.26
C LYS A 722 13.97 -18.88 17.00
N ALA A 723 14.31 -18.34 18.16
CA ALA A 723 15.44 -18.85 18.95
C ALA A 723 15.08 -20.15 19.69
N ARG A 724 13.90 -20.17 20.30
CA ARG A 724 13.39 -21.37 20.92
C ARG A 724 13.23 -22.49 19.90
N ALA A 725 12.79 -22.15 18.69
CA ALA A 725 12.57 -23.16 17.66
C ALA A 725 13.88 -23.76 17.15
N ALA A 726 14.98 -23.10 17.45
CA ALA A 726 16.28 -23.57 16.98
C ALA A 726 16.88 -24.58 17.96
N GLU A 727 16.25 -24.75 19.11
CA GLU A 727 16.80 -25.59 20.17
C GLU A 727 15.86 -26.73 20.55
MG MG B . 1.13 2.63 7.68
C10 4ZD C . -4.09 -1.39 5.12
O01 4ZD C . -3.32 -6.62 0.42
C02 4ZD C . -3.01 -6.31 1.61
O03 4ZD C . -3.84 -6.09 2.55
C04 4ZD C . -1.54 -6.21 1.93
C05 4ZD C . -1.08 -5.50 2.95
S06 4ZD C . -0.75 -3.74 2.86
C07 4ZD C . -2.05 -2.82 3.73
C08 4ZD C . -1.99 -1.42 3.89
C09 4ZD C . -2.99 -0.72 4.56
C11 4ZD C . -4.16 -2.78 4.96
C12 4ZD C . -3.16 -3.49 4.27
#